data_2GQ2
#
_entry.id   2GQ2
#
_cell.length_a   73.007
_cell.length_b   78.090
_cell.length_c   88.514
_cell.angle_alpha   90.00
_cell.angle_beta   95.67
_cell.angle_gamma   90.00
#
_symmetry.space_group_name_H-M   'P 1 21 1'
#
loop_
_entity.id
_entity.type
_entity.pdbx_description
1 polymer 'Thymidylate synthase thyX'
2 non-polymer 'IODIDE ION'
3 non-polymer 'POTASSIUM ION'
4 non-polymer 'NADP NICOTINAMIDE-ADENINE-DINUCLEOTIDE PHOSPHATE'
5 non-polymer 'TRIETHYLENE GLYCOL'
6 non-polymer GLYCEROL
7 water water
#
_entity_poly.entity_id   1
_entity_poly.type   'polypeptide(L)'
_entity_poly.pdbx_seq_one_letter_code
;(MSE)AETAPLRVQLIAKTDFLAPPDVPWTTDADGGPALVEFAGRACYQSWSKPNPKTATNAGYLRHI(MSE)DVGHFSV
LEHASVSFYITGISRSCTHELIRHRHFSYSQLSQRYVPEKDSRVVVPPG(MSE)EDDADLRHILTEAADAARATYSELLA
KLEAKFADQPNAILRRKQARQAARAV(MSE)PNATETRIVVTGNYRAWRHFIA(MSE)RASEHADVEIRRLAIECLRQLA
AVAPAVFADFEVTTLADGTEVATSPLATEALEHHHHHH
;
_entity_poly.pdbx_strand_id   A,B,C,D
#
# COMPACT_ATOMS: atom_id res chain seq x y z
N ALA A 2 1.82 37.02 16.07
CA ALA A 2 1.39 35.78 15.39
C ALA A 2 0.12 36.05 14.61
N GLU A 3 -0.09 35.30 13.54
CA GLU A 3 -1.36 35.36 12.83
C GLU A 3 -2.05 34.00 12.84
N THR A 4 -3.37 34.01 12.71
CA THR A 4 -4.16 32.77 12.79
C THR A 4 -4.71 32.43 11.41
N ALA A 5 -4.60 31.17 11.02
CA ALA A 5 -5.02 30.74 9.69
C ALA A 5 -6.35 29.99 9.75
N PRO A 6 -7.31 30.37 8.89
CA PRO A 6 -8.54 29.60 8.80
C PRO A 6 -8.34 28.37 7.91
N LEU A 7 -9.15 27.34 8.14
CA LEU A 7 -9.14 26.15 7.28
C LEU A 7 -9.63 26.50 5.89
N ARG A 8 -8.85 26.15 4.87
CA ARG A 8 -9.31 26.26 3.51
C ARG A 8 -8.97 24.98 2.78
N VAL A 9 -10.00 24.39 2.16
CA VAL A 9 -9.92 23.15 1.40
C VAL A 9 -10.29 23.44 -0.06
N GLN A 10 -9.34 23.33 -0.99
CA GLN A 10 -9.61 23.63 -2.39
C GLN A 10 -9.49 22.39 -3.27
N LEU A 11 -10.54 22.06 -4.00
CA LEU A 11 -10.47 20.96 -4.97
C LEU A 11 -9.64 21.44 -6.17
N ILE A 12 -8.51 20.75 -6.40
CA ILE A 12 -7.58 21.16 -7.47
C ILE A 12 -7.47 20.14 -8.60
N ALA A 13 -8.08 18.96 -8.42
CA ALA A 13 -8.02 17.91 -9.45
C ALA A 13 -9.07 16.86 -9.28
N LYS A 14 -9.54 16.37 -10.42
CA LYS A 14 -10.50 15.30 -10.45
C LYS A 14 -10.33 14.53 -11.77
N THR A 15 -11.03 13.41 -11.86
CA THR A 15 -10.96 12.56 -13.06
C THR A 15 -11.61 13.19 -14.31
N ASP A 16 -10.87 13.18 -15.42
CA ASP A 16 -11.43 13.45 -16.76
C ASP A 16 -11.70 12.10 -17.51
N PHE A 17 -12.97 11.81 -17.85
CA PHE A 17 -13.36 10.53 -18.47
C PHE A 17 -13.57 10.65 -19.97
N LEU A 18 -12.94 9.75 -20.73
CA LEU A 18 -12.99 9.78 -22.19
C LEU A 18 -13.57 8.44 -22.65
N ALA A 19 -14.88 8.42 -22.91
CA ALA A 19 -15.57 7.20 -23.31
C ALA A 19 -14.96 6.59 -24.58
N PRO A 20 -14.70 5.27 -24.56
CA PRO A 20 -14.18 4.66 -25.78
C PRO A 20 -15.30 4.60 -26.80
N PRO A 21 -15.09 5.18 -28.00
CA PRO A 21 -16.11 5.24 -29.05
C PRO A 21 -16.65 3.89 -29.46
N ASP A 22 -15.81 2.86 -29.43
CA ASP A 22 -16.19 1.52 -29.88
C ASP A 22 -17.06 0.71 -28.91
N VAL A 23 -17.28 1.20 -27.69
CA VAL A 23 -18.12 0.48 -26.74
C VAL A 23 -19.58 0.94 -26.86
N PRO A 24 -20.50 0.00 -27.13
CA PRO A 24 -21.93 0.27 -27.29
C PRO A 24 -22.66 0.75 -26.02
N TRP A 25 -22.22 1.86 -25.45
CA TRP A 25 -22.75 2.33 -24.17
C TRP A 25 -22.55 3.82 -24.04
N THR A 26 -23.54 4.48 -23.43
CA THR A 26 -23.41 5.87 -22.98
C THR A 26 -24.04 6.04 -21.60
N THR A 27 -23.71 7.12 -20.92
CA THR A 27 -24.38 7.44 -19.65
C THR A 27 -24.66 8.92 -19.47
N ASP A 28 -25.54 9.23 -18.51
CA ASP A 28 -25.96 10.61 -18.22
C ASP A 28 -25.03 11.32 -17.22
N ALA A 29 -23.73 11.04 -17.34
CA ALA A 29 -22.72 11.61 -16.46
C ALA A 29 -21.39 11.70 -17.19
N ASP A 30 -20.47 12.47 -16.61
CA ASP A 30 -19.09 12.56 -17.08
C ASP A 30 -18.19 12.37 -15.85
N GLY A 31 -16.88 12.48 -16.05
CA GLY A 31 -15.91 12.49 -14.95
C GLY A 31 -15.84 11.17 -14.22
N GLY A 32 -15.44 11.25 -12.96
CA GLY A 32 -15.32 10.09 -12.09
C GLY A 32 -16.53 9.18 -12.02
N PRO A 33 -17.74 9.73 -11.75
CA PRO A 33 -18.93 8.89 -11.72
C PRO A 33 -19.14 8.05 -13.00
N ALA A 34 -18.89 8.63 -14.17
CA ALA A 34 -19.03 7.93 -15.45
C ALA A 34 -17.97 6.83 -15.61
N LEU A 35 -16.75 7.12 -15.18
CA LEU A 35 -15.69 6.09 -15.14
C LEU A 35 -16.05 4.91 -14.24
N VAL A 36 -16.59 5.20 -13.06
CA VAL A 36 -16.93 4.11 -12.11
C VAL A 36 -17.96 3.20 -12.75
N GLU A 37 -19.02 3.77 -13.33
CA GLU A 37 -20.00 2.99 -14.08
C GLU A 37 -19.39 2.18 -15.21
N PHE A 38 -18.53 2.81 -16.01
CA PHE A 38 -17.88 2.08 -17.10
C PHE A 38 -17.10 0.85 -16.63
N ALA A 39 -16.38 1.00 -15.54
CA ALA A 39 -15.56 -0.07 -15.00
C ALA A 39 -16.42 -1.20 -14.43
N GLY A 40 -17.51 -0.84 -13.75
CA GLY A 40 -18.47 -1.83 -13.23
C GLY A 40 -19.11 -2.63 -14.35
N ARG A 41 -19.46 -1.95 -15.44
CA ARG A 41 -20.06 -2.62 -16.60
C ARG A 41 -19.05 -3.47 -17.37
N ALA A 42 -17.82 -3.02 -17.46
CA ALA A 42 -16.78 -3.79 -18.14
C ALA A 42 -16.53 -5.17 -17.49
N CYS A 43 -16.76 -5.30 -16.18
CA CYS A 43 -16.64 -6.61 -15.50
C CYS A 43 -17.59 -7.66 -16.07
N TYR A 44 -18.72 -7.23 -16.63
CA TYR A 44 -19.74 -8.17 -17.12
C TYR A 44 -20.07 -7.93 -18.59
N GLN A 45 -19.38 -6.96 -19.19
CA GLN A 45 -19.67 -6.46 -20.53
C GLN A 45 -21.15 -6.13 -20.67
N SER A 46 -21.69 -5.46 -19.65
CA SER A 46 -23.12 -5.16 -19.61
C SER A 46 -23.42 -3.76 -20.12
N TRP A 47 -23.24 -3.59 -21.43
CA TRP A 47 -23.29 -2.28 -22.05
C TRP A 47 -24.73 -1.79 -22.27
N SER A 48 -25.63 -2.72 -22.57
CA SER A 48 -27.04 -2.41 -22.81
C SER A 48 -27.88 -2.68 -21.56
N LYS A 49 -28.94 -1.89 -21.42
CA LYS A 49 -29.71 -1.80 -20.19
C LYS A 49 -31.12 -2.40 -20.37
N PRO A 50 -31.66 -3.09 -19.32
CA PRO A 50 -33.11 -3.39 -19.28
C PRO A 50 -33.91 -2.23 -19.86
N ASN A 51 -33.72 -1.05 -19.26
CA ASN A 51 -33.80 0.25 -19.93
C ASN A 51 -34.39 1.36 -19.09
N PRO A 52 -35.71 1.29 -18.78
CA PRO A 52 -36.41 2.45 -18.19
C PRO A 52 -36.11 2.72 -16.70
N THR A 56 -30.04 5.16 -14.96
CA THR A 56 -29.25 6.37 -14.72
C THR A 56 -27.88 6.01 -14.12
N ASN A 57 -26.93 6.95 -14.24
CA ASN A 57 -25.60 6.77 -13.63
C ASN A 57 -25.71 6.59 -12.13
N ALA A 58 -26.55 7.41 -11.49
CA ALA A 58 -26.76 7.36 -10.05
C ALA A 58 -27.40 6.05 -9.61
N GLY A 59 -28.28 5.50 -10.44
CA GLY A 59 -28.87 4.18 -10.21
C GLY A 59 -27.85 3.05 -10.32
N TYR A 60 -26.99 3.10 -11.34
CA TYR A 60 -25.93 2.11 -11.44
C TYR A 60 -24.98 2.16 -10.24
N LEU A 61 -24.62 3.36 -9.80
CA LEU A 61 -23.68 3.50 -8.68
C LEU A 61 -24.26 2.96 -7.36
N ARG A 62 -25.53 3.28 -7.07
CA ARG A 62 -26.23 2.67 -5.93
C ARG A 62 -26.22 1.14 -5.98
N HIS A 63 -26.52 0.59 -7.16
CA HIS A 63 -26.40 -0.86 -7.43
C HIS A 63 -25.02 -1.41 -7.06
N ILE A 64 -23.98 -0.73 -7.54
CA ILE A 64 -22.59 -1.09 -7.20
C ILE A 64 -22.35 -1.09 -5.69
N ASP A 66 -24.70 -1.33 -3.36
CA ASP A 66 -25.60 -2.32 -2.74
C ASP A 66 -25.18 -3.77 -2.95
N VAL A 67 -24.39 -4.04 -3.99
CA VAL A 67 -23.83 -5.39 -4.17
C VAL A 67 -22.41 -5.52 -3.55
N GLY A 68 -21.88 -4.41 -3.02
CA GLY A 68 -20.60 -4.41 -2.32
C GLY A 68 -19.37 -4.53 -3.22
N HIS A 69 -19.50 -4.11 -4.47
CA HIS A 69 -18.38 -4.10 -5.41
C HIS A 69 -17.63 -2.77 -5.28
N PHE A 70 -17.21 -2.45 -4.05
CA PHE A 70 -16.55 -1.18 -3.77
C PHE A 70 -15.22 -0.94 -4.50
N SER A 71 -14.53 -2.01 -4.90
CA SER A 71 -13.23 -1.83 -5.58
C SER A 71 -13.33 -1.05 -6.89
N VAL A 72 -14.53 -1.00 -7.46
CA VAL A 72 -14.74 -0.24 -8.70
C VAL A 72 -14.59 1.27 -8.46
N LEU A 73 -14.80 1.69 -7.20
CA LEU A 73 -14.68 3.10 -6.81
C LEU A 73 -13.25 3.61 -6.84
N GLU A 74 -12.28 2.69 -6.86
CA GLU A 74 -10.87 3.04 -6.84
C GLU A 74 -10.39 3.70 -8.15
N HIS A 75 -11.19 3.68 -9.20
CA HIS A 75 -10.72 4.19 -10.49
C HIS A 75 -10.77 5.70 -10.61
N ALA A 76 -11.69 6.34 -9.89
CA ALA A 76 -11.81 7.80 -9.90
C ALA A 76 -11.10 8.40 -8.70
N SER A 77 -10.44 9.55 -8.86
CA SER A 77 -9.81 10.23 -7.73
C SER A 77 -10.06 11.74 -7.68
N VAL A 78 -9.79 12.32 -6.52
CA VAL A 78 -9.90 13.76 -6.29
C VAL A 78 -8.69 14.21 -5.49
N SER A 79 -8.18 15.41 -5.81
CA SER A 79 -7.08 16.01 -5.06
C SER A 79 -7.54 17.34 -4.46
N PHE A 80 -7.17 17.57 -3.20
CA PHE A 80 -7.39 18.85 -2.53
C PHE A 80 -6.08 19.51 -2.15
N TYR A 81 -6.05 20.84 -2.19
CA TYR A 81 -4.99 21.63 -1.58
C TYR A 81 -5.55 22.14 -0.28
N ILE A 82 -4.91 21.79 0.83
CA ILE A 82 -5.45 22.16 2.13
C ILE A 82 -4.50 23.12 2.87
N THR A 83 -5.03 24.24 3.35
CA THR A 83 -4.24 25.21 4.10
C THR A 83 -4.99 25.50 5.42
N GLY A 84 -4.32 26.13 6.39
CA GLY A 84 -4.95 26.38 7.68
C GLY A 84 -5.26 25.12 8.49
N ILE A 85 -4.37 24.12 8.37
CA ILE A 85 -4.43 22.88 9.13
C ILE A 85 -3.16 22.81 10.03
N SER A 86 -3.34 22.45 11.30
CA SER A 86 -2.20 22.47 12.24
C SER A 86 -1.26 21.30 11.91
N ARG A 87 0.01 21.41 12.32
CA ARG A 87 0.94 20.29 12.12
C ARG A 87 0.44 19.02 12.81
N SER A 88 -0.16 19.15 14.00
CA SER A 88 -0.73 17.97 14.68
C SER A 88 -1.90 17.29 13.95
N CYS A 89 -2.79 18.10 13.35
CA CYS A 89 -3.90 17.54 12.59
C CYS A 89 -3.40 16.81 11.34
N THR A 90 -2.35 17.35 10.71
CA THR A 90 -1.77 16.69 9.54
CA THR A 90 -1.78 16.70 9.54
C THR A 90 -1.06 15.39 9.89
N HIS A 91 -0.48 15.33 11.09
CA HIS A 91 0.13 14.10 11.60
C HIS A 91 -0.90 12.96 11.67
N GLU A 92 -2.11 13.28 12.13
CA GLU A 92 -3.24 12.36 12.13
C GLU A 92 -3.69 11.97 10.72
N LEU A 93 -3.79 12.97 9.86
CA LEU A 93 -4.21 12.76 8.47
C LEU A 93 -3.33 11.77 7.71
N ILE A 94 -2.02 11.99 7.79
CA ILE A 94 -1.11 11.20 6.96
C ILE A 94 -0.97 9.71 7.40
N ARG A 95 -1.63 9.33 8.49
CA ARG A 95 -1.66 7.92 8.92
C ARG A 95 -2.46 7.06 7.97
N HIS A 96 -3.29 7.71 7.17
CA HIS A 96 -4.12 7.05 6.18
C HIS A 96 -3.32 6.63 4.98
N ARG A 97 -3.36 5.34 4.74
CA ARG A 97 -2.72 4.80 3.56
C ARG A 97 -3.76 4.73 2.44
N HIS A 98 -3.30 4.49 1.24
CA HIS A 98 -4.14 4.66 0.05
C HIS A 98 -4.45 6.15 -0.24
N PHE A 99 -3.66 7.04 0.34
CA PHE A 99 -3.59 8.44 -0.13
C PHE A 99 -2.15 8.78 -0.57
N SER A 100 -2.03 9.82 -1.39
CA SER A 100 -0.75 10.37 -1.73
C SER A 100 -0.73 11.80 -1.22
N TYR A 101 0.38 12.19 -0.60
CA TYR A 101 0.51 13.50 0.04
C TYR A 101 1.73 14.26 -0.47
N SER A 102 1.60 15.58 -0.58
CA SER A 102 2.78 16.45 -0.70
C SER A 102 2.59 17.59 0.28
N GLN A 103 3.47 17.66 1.27
CA GLN A 103 3.32 18.54 2.42
C GLN A 103 4.36 19.62 2.46
N LEU A 104 3.92 20.78 2.94
CA LEU A 104 4.81 21.91 3.22
C LEU A 104 5.99 21.43 4.07
N SER A 105 7.21 21.70 3.58
CA SER A 105 8.43 21.17 4.19
C SER A 105 8.56 21.54 5.66
N GLN A 106 8.94 20.56 6.50
CA GLN A 106 9.16 20.78 7.93
C GLN A 106 10.12 21.92 8.21
N ARG A 107 11.01 22.15 7.25
CA ARG A 107 11.93 23.26 7.29
C ARG A 107 11.24 24.63 7.22
N TYR A 108 10.36 24.80 6.24
CA TYR A 108 9.69 26.08 5.98
C TYR A 108 9.34 26.86 7.25
N VAL A 109 9.81 28.10 7.31
CA VAL A 109 9.46 29.05 8.37
C VAL A 109 9.01 30.35 7.71
N PRO A 110 7.74 30.76 7.95
CA PRO A 110 7.19 31.96 7.31
C PRO A 110 7.99 33.20 7.70
N GLU A 111 8.43 33.95 6.69
CA GLU A 111 9.29 35.10 6.92
C GLU A 111 8.66 36.21 7.73
N LYS A 112 7.38 36.51 7.51
CA LYS A 112 6.87 37.74 8.10
C LYS A 112 6.43 37.65 9.55
N ASP A 113 5.78 36.55 9.93
CA ASP A 113 5.31 36.31 11.31
C ASP A 113 4.95 34.83 11.48
N SER A 114 4.76 34.40 12.72
CA SER A 114 4.26 33.05 13.01
C SER A 114 2.84 32.91 12.48
N ARG A 115 2.55 31.77 11.84
CA ARG A 115 1.17 31.40 11.50
C ARG A 115 0.74 30.17 12.28
N VAL A 116 -0.36 30.31 13.00
CA VAL A 116 -0.88 29.24 13.83
C VAL A 116 -2.34 28.96 13.52
N VAL A 117 -2.77 27.76 13.87
CA VAL A 117 -4.12 27.36 13.66
C VAL A 117 -4.73 27.20 15.04
N VAL A 118 -5.82 27.92 15.31
CA VAL A 118 -6.49 27.84 16.62
C VAL A 118 -7.31 26.55 16.74
N PRO A 119 -7.11 25.79 17.84
CA PRO A 119 -8.00 24.63 18.00
C PRO A 119 -9.46 25.08 18.05
N PRO A 120 -10.36 24.36 17.34
CA PRO A 120 -11.78 24.67 17.30
C PRO A 120 -12.42 24.90 18.69
N GLY A 121 -12.07 24.07 19.67
CA GLY A 121 -12.52 24.27 21.04
C GLY A 121 -12.12 25.59 21.69
N GLU A 123 -11.83 28.48 19.62
CA GLU A 123 -12.21 29.49 18.66
C GLU A 123 -13.07 30.60 19.25
N ASP A 124 -13.88 30.26 20.26
CA ASP A 124 -14.85 31.21 20.82
C ASP A 124 -14.38 31.93 22.09
N ASP A 125 -13.07 31.92 22.33
CA ASP A 125 -12.52 32.49 23.56
C ASP A 125 -11.27 33.34 23.34
N ALA A 126 -11.47 34.66 23.35
CA ALA A 126 -10.42 35.64 23.16
C ALA A 126 -9.22 35.47 24.10
N ASP A 127 -9.46 35.08 25.35
CA ASP A 127 -8.34 34.94 26.28
C ASP A 127 -7.44 33.76 25.89
N LEU A 128 -8.07 32.62 25.61
CA LEU A 128 -7.39 31.41 25.16
C LEU A 128 -6.59 31.64 23.88
N ARG A 129 -7.22 32.28 22.89
CA ARG A 129 -6.58 32.65 21.63
C ARG A 129 -5.35 33.54 21.83
N HIS A 130 -5.44 34.49 22.75
CA HIS A 130 -4.32 35.38 23.09
C HIS A 130 -3.15 34.62 23.74
N ILE A 131 -3.44 33.73 24.68
CA ILE A 131 -2.40 32.87 25.27
C ILE A 131 -1.65 32.05 24.20
N LEU A 132 -2.40 31.53 23.23
CA LEU A 132 -1.84 30.71 22.16
C LEU A 132 -0.92 31.51 21.23
N THR A 133 -1.38 32.69 20.80
CA THR A 133 -0.59 33.54 19.90
C THR A 133 0.60 34.16 20.64
N GLU A 134 0.46 34.39 21.94
CA GLU A 134 1.59 34.86 22.74
C GLU A 134 2.66 33.76 22.84
N ALA A 135 2.24 32.54 23.18
CA ALA A 135 3.12 31.36 23.14
C ALA A 135 3.79 31.19 21.78
N ALA A 136 3.02 31.37 20.71
CA ALA A 136 3.56 31.22 19.35
C ALA A 136 4.66 32.26 19.08
N ASP A 137 4.43 33.51 19.51
CA ASP A 137 5.43 34.55 19.39
C ASP A 137 6.68 34.24 20.20
N ALA A 138 6.52 33.71 21.42
CA ALA A 138 7.68 33.36 22.26
C ALA A 138 8.51 32.22 21.66
N ALA A 139 7.85 31.28 20.99
CA ALA A 139 8.55 30.19 20.33
C ALA A 139 9.38 30.71 19.16
N ARG A 140 8.80 31.64 18.39
CA ARG A 140 9.50 32.24 17.23
C ARG A 140 10.74 33.00 17.69
N ALA A 141 10.61 33.72 18.80
CA ALA A 141 11.73 34.44 19.41
C ALA A 141 12.84 33.47 19.79
N THR A 142 12.49 32.42 20.52
CA THR A 142 13.43 31.32 20.82
C THR A 142 14.05 30.72 19.54
N TYR A 143 13.25 30.55 18.49
CA TYR A 143 13.74 30.00 17.24
C TYR A 143 14.90 30.83 16.66
N SER A 144 14.71 32.15 16.65
CA SER A 144 15.69 33.11 16.10
C SER A 144 16.96 33.21 16.93
N GLU A 145 16.80 33.17 18.25
CA GLU A 145 17.89 33.06 19.19
C GLU A 145 18.72 31.80 18.95
N LEU A 146 18.06 30.65 18.91
CA LEU A 146 18.75 29.37 18.63
C LEU A 146 19.43 29.36 17.26
N LEU A 147 18.77 29.88 16.24
CA LEU A 147 19.32 29.88 14.88
C LEU A 147 20.65 30.66 14.84
N ALA A 148 20.63 31.88 15.35
CA ALA A 148 21.81 32.75 15.37
C ALA A 148 22.96 32.07 16.13
N LYS A 149 22.66 31.53 17.31
CA LYS A 149 23.63 30.78 18.11
C LYS A 149 24.16 29.55 17.41
N LEU A 150 23.27 28.81 16.75
CA LEU A 150 23.69 27.62 15.99
C LEU A 150 24.63 28.01 14.83
N GLU A 151 24.26 29.03 14.07
CA GLU A 151 25.07 29.48 12.95
C GLU A 151 26.47 29.90 13.42
N ALA A 152 26.53 30.58 14.57
CA ALA A 152 27.80 30.92 15.22
C ALA A 152 28.60 29.66 15.60
N LYS A 153 27.96 28.73 16.29
CA LYS A 153 28.57 27.46 16.67
C LYS A 153 29.08 26.60 15.48
N PHE A 154 28.45 26.74 14.31
CA PHE A 154 28.83 25.99 13.10
C PHE A 154 29.82 26.75 12.21
N ALA A 155 30.30 27.92 12.65
CA ALA A 155 31.08 28.82 11.79
C ALA A 155 32.32 28.17 11.15
N ASP A 156 32.98 27.24 11.84
CA ASP A 156 34.17 26.60 11.30
C ASP A 156 33.96 25.24 10.61
N GLN A 157 32.74 24.74 10.66
CA GLN A 157 32.39 23.46 10.06
C GLN A 157 32.32 23.57 8.53
N PRO A 158 32.68 22.48 7.81
CA PRO A 158 32.69 22.52 6.34
C PRO A 158 31.28 22.57 5.74
N ASN A 159 31.17 23.18 4.56
CA ASN A 159 29.91 23.28 3.84
C ASN A 159 28.93 24.21 4.57
N ALA A 160 29.07 25.51 4.31
CA ALA A 160 28.27 26.52 4.97
C ALA A 160 26.79 26.49 4.56
N ILE A 161 26.51 26.05 3.33
CA ILE A 161 25.13 25.85 2.87
C ILE A 161 24.47 24.78 3.74
N LEU A 162 25.16 23.65 3.88
CA LEU A 162 24.68 22.57 4.75
C LEU A 162 24.47 23.04 6.19
N ARG A 163 25.41 23.83 6.71
CA ARG A 163 25.34 24.29 8.09
C ARG A 163 24.15 25.20 8.36
N ARG A 164 23.78 26.02 7.37
CA ARG A 164 22.59 26.86 7.46
C ARG A 164 21.33 26.00 7.58
N LYS A 165 21.24 24.97 6.73
CA LYS A 165 20.09 24.07 6.72
C LYS A 165 19.94 23.32 8.05
N GLN A 166 21.07 22.82 8.53
CA GLN A 166 21.15 22.14 9.82
C GLN A 166 20.84 23.07 11.00
N ALA A 167 21.25 24.33 10.90
CA ALA A 167 20.94 25.31 11.95
C ALA A 167 19.43 25.50 12.03
N ARG A 168 18.81 25.67 10.86
CA ARG A 168 17.36 25.80 10.72
C ARG A 168 16.62 24.58 11.23
N GLN A 169 17.12 23.39 10.90
CA GLN A 169 16.46 22.13 11.27
C GLN A 169 16.44 21.95 12.80
N ALA A 170 17.54 22.26 13.46
CA ALA A 170 17.68 22.17 14.93
C ALA A 170 16.86 23.22 15.68
N ALA A 171 16.88 24.46 15.17
CA ALA A 171 16.19 25.61 15.76
C ALA A 171 14.68 25.41 15.78
N ARG A 172 14.16 24.75 14.76
CA ARG A 172 12.71 24.54 14.66
C ARG A 172 12.19 23.49 15.67
N ALA A 173 13.10 22.84 16.38
CA ALA A 173 12.74 22.04 17.55
C ALA A 173 11.67 22.68 18.47
N VAL A 174 11.63 24.02 18.54
CA VAL A 174 10.73 24.74 19.46
C VAL A 174 9.36 25.11 18.86
N PRO A 176 5.62 25.08 17.80
CA PRO A 176 4.51 24.33 18.39
C PRO A 176 3.67 23.51 17.43
N ASN A 177 2.93 22.57 17.99
CA ASN A 177 1.93 21.75 17.26
C ASN A 177 0.97 22.57 16.41
N ALA A 178 0.61 23.76 16.89
CA ALA A 178 -0.45 24.55 16.28
C ALA A 178 0.02 25.27 15.02
N THR A 179 1.32 25.25 14.78
CA THR A 179 1.90 25.80 13.55
C THR A 179 1.12 25.36 12.31
N GLU A 180 0.85 26.33 11.45
CA GLU A 180 0.14 26.06 10.21
C GLU A 180 0.99 25.22 9.29
N THR A 181 0.35 24.27 8.62
CA THR A 181 0.98 23.58 7.51
C THR A 181 0.06 23.55 6.29
N ARG A 182 0.58 23.09 5.15
CA ARG A 182 -0.23 23.06 3.93
C ARG A 182 0.07 21.76 3.25
N ILE A 183 -0.91 21.20 2.56
CA ILE A 183 -0.75 19.84 2.04
C ILE A 183 -1.63 19.58 0.83
N VAL A 184 -1.06 18.92 -0.17
CA VAL A 184 -1.84 18.34 -1.27
C VAL A 184 -2.17 16.88 -0.95
N VAL A 185 -3.46 16.56 -0.89
CA VAL A 185 -3.93 15.21 -0.64
C VAL A 185 -4.72 14.67 -1.82
N THR A 186 -4.34 13.48 -2.30
CA THR A 186 -5.01 12.81 -3.42
C THR A 186 -5.44 11.40 -2.98
N GLY A 187 -6.68 11.05 -3.27
CA GLY A 187 -7.21 9.72 -2.96
C GLY A 187 -8.24 9.35 -3.99
N ASN A 188 -8.48 8.05 -4.13
CA ASN A 188 -9.56 7.54 -4.97
C ASN A 188 -10.86 7.56 -4.14
N TYR A 189 -12.01 7.41 -4.79
CA TYR A 189 -13.28 7.53 -4.07
C TYR A 189 -13.35 6.57 -2.89
N ARG A 190 -12.79 5.38 -3.05
CA ARG A 190 -12.87 4.39 -2.00
C ARG A 190 -12.09 4.87 -0.80
N ALA A 191 -10.92 5.48 -1.03
CA ALA A 191 -10.10 5.97 0.10
C ALA A 191 -10.78 7.15 0.80
N TRP A 192 -11.34 8.07 0.04
CA TRP A 192 -12.12 9.16 0.61
C TRP A 192 -13.29 8.67 1.48
N ARG A 193 -14.03 7.66 1.01
CA ARG A 193 -15.18 7.16 1.80
C ARG A 193 -14.72 6.69 3.16
N HIS A 194 -13.59 5.97 3.19
CA HIS A 194 -13.06 5.48 4.48
C HIS A 194 -12.50 6.57 5.39
N PHE A 195 -11.85 7.57 4.81
CA PHE A 195 -11.36 8.72 5.57
C PHE A 195 -12.55 9.40 6.24
N ILE A 196 -13.62 9.61 5.49
CA ILE A 196 -14.83 10.24 6.01
C ILE A 196 -15.46 9.37 7.11
N ALA A 197 -15.68 8.09 6.82
CA ALA A 197 -16.21 7.14 7.83
C ALA A 197 -15.47 7.22 9.18
N ARG A 199 -13.13 9.57 10.26
CA ARG A 199 -12.76 10.86 10.82
C ARG A 199 -13.95 11.80 11.00
N ALA A 200 -15.05 11.57 10.30
CA ALA A 200 -16.24 12.39 10.51
C ALA A 200 -17.16 11.80 11.59
N SER A 201 -16.60 11.07 12.55
CA SER A 201 -17.41 10.46 13.61
C SER A 201 -17.18 11.15 14.95
N GLU A 202 -18.04 10.84 15.92
CA GLU A 202 -17.95 11.35 17.31
C GLU A 202 -16.60 11.13 17.97
N HIS A 203 -15.98 9.98 17.67
CA HIS A 203 -14.68 9.61 18.23
C HIS A 203 -13.54 10.55 17.81
N ALA A 204 -13.59 11.02 16.56
CA ALA A 204 -12.53 11.85 16.00
C ALA A 204 -12.46 13.21 16.70
N ASP A 205 -11.24 13.72 16.90
CA ASP A 205 -11.05 15.08 17.43
C ASP A 205 -11.67 16.09 16.49
N VAL A 206 -11.98 17.29 17.02
CA VAL A 206 -12.78 18.22 16.25
C VAL A 206 -12.06 18.80 15.02
N GLU A 207 -10.75 19.05 15.10
CA GLU A 207 -10.04 19.65 13.95
C GLU A 207 -10.04 18.74 12.72
N ILE A 208 -9.73 17.45 12.88
CA ILE A 208 -9.82 16.50 11.76
C ILE A 208 -11.27 16.16 11.36
N ARG A 209 -12.18 16.12 12.33
CA ARG A 209 -13.61 15.98 12.05
C ARG A 209 -14.07 17.12 11.13
N ARG A 210 -13.70 18.34 11.47
CA ARG A 210 -14.03 19.52 10.65
C ARG A 210 -13.55 19.38 9.20
N LEU A 211 -12.35 18.84 9.06
CA LEU A 211 -11.70 18.73 7.77
C LEU A 211 -12.44 17.70 6.92
N ALA A 212 -12.78 16.56 7.54
CA ALA A 212 -13.47 15.46 6.89
C ALA A 212 -14.90 15.83 6.46
N ILE A 213 -15.59 16.61 7.28
CA ILE A 213 -16.91 17.12 6.92
C ILE A 213 -16.79 18.01 5.69
N GLU A 214 -15.73 18.81 5.64
CA GLU A 214 -15.57 19.76 4.52
C GLU A 214 -15.20 19.05 3.23
N CYS A 215 -14.31 18.05 3.33
CA CYS A 215 -14.01 17.21 2.15
C CYS A 215 -15.25 16.52 1.62
N LEU A 216 -16.06 16.00 2.52
CA LEU A 216 -17.32 15.37 2.21
C LEU A 216 -18.26 16.30 1.41
N ARG A 217 -18.43 17.53 1.89
CA ARG A 217 -19.26 18.53 1.20
C ARG A 217 -18.87 18.64 -0.28
N GLN A 218 -17.58 18.80 -0.54
CA GLN A 218 -17.07 18.99 -1.89
C GLN A 218 -17.08 17.71 -2.71
N LEU A 219 -16.82 16.57 -2.06
CA LEU A 219 -16.94 15.28 -2.72
C LEU A 219 -18.38 14.97 -3.12
N ALA A 220 -19.32 15.24 -2.22
CA ALA A 220 -20.74 15.04 -2.50
C ALA A 220 -21.19 15.86 -3.71
N ALA A 221 -20.64 17.05 -3.88
CA ALA A 221 -20.94 17.86 -5.06
C ALA A 221 -20.46 17.20 -6.35
N VAL A 222 -19.19 16.78 -6.41
CA VAL A 222 -18.65 16.19 -7.65
C VAL A 222 -19.19 14.76 -7.95
N ALA A 223 -19.45 13.98 -6.90
CA ALA A 223 -20.02 12.65 -7.09
C ALA A 223 -21.09 12.35 -6.05
N PRO A 224 -22.32 12.90 -6.22
CA PRO A 224 -23.45 12.73 -5.29
C PRO A 224 -23.83 11.28 -4.99
N ALA A 225 -23.89 10.41 -5.99
CA ALA A 225 -24.28 9.02 -5.74
C ALA A 225 -23.27 8.25 -4.88
N VAL A 226 -21.97 8.50 -5.12
CA VAL A 226 -20.91 7.82 -4.36
C VAL A 226 -20.91 8.20 -2.87
N PHE A 227 -21.27 9.45 -2.58
CA PHE A 227 -21.22 9.95 -1.20
C PHE A 227 -22.58 10.19 -0.53
N ALA A 228 -23.67 9.82 -1.20
CA ALA A 228 -25.06 10.07 -0.74
C ALA A 228 -25.40 9.40 0.58
N ASP A 229 -24.89 8.19 0.76
CA ASP A 229 -25.20 7.38 1.93
C ASP A 229 -24.68 7.95 3.25
N PHE A 230 -23.84 8.98 3.19
CA PHE A 230 -23.38 9.66 4.39
C PHE A 230 -24.42 10.72 4.78
N GLU A 231 -24.86 10.70 6.04
CA GLU A 231 -25.74 11.75 6.53
C GLU A 231 -25.05 12.60 7.59
N VAL A 232 -25.07 13.91 7.39
CA VAL A 232 -24.51 14.85 8.38
C VAL A 232 -25.57 15.28 9.40
N THR A 233 -25.28 15.06 10.68
CA THR A 233 -26.14 15.50 11.77
C THR A 233 -25.30 16.37 12.71
N THR A 234 -25.91 17.40 13.31
CA THR A 234 -25.17 18.26 14.24
C THR A 234 -25.36 17.79 15.68
N LEU A 235 -24.29 17.78 16.46
CA LEU A 235 -24.34 17.36 17.86
C LEU A 235 -24.74 18.52 18.77
N ALA A 236 -25.09 18.19 20.01
CA ALA A 236 -25.53 19.17 21.01
C ALA A 236 -24.47 20.24 21.29
N ASP A 237 -23.21 19.91 21.00
CA ASP A 237 -22.10 20.86 21.14
C ASP A 237 -22.00 21.81 19.94
N GLY A 238 -22.86 21.62 18.94
CA GLY A 238 -22.89 22.48 17.75
C GLY A 238 -21.99 21.99 16.62
N THR A 239 -21.46 20.79 16.82
CA THR A 239 -20.45 20.23 15.94
C THR A 239 -21.08 19.13 15.06
N GLU A 240 -20.58 18.97 13.83
CA GLU A 240 -21.20 18.05 12.88
C GLU A 240 -20.51 16.70 12.80
N VAL A 241 -21.29 15.66 12.51
CA VAL A 241 -20.77 14.31 12.35
C VAL A 241 -21.40 13.72 11.09
N ALA A 242 -20.69 12.80 10.44
CA ALA A 242 -21.24 12.09 9.28
C ALA A 242 -21.19 10.58 9.52
N THR A 243 -22.34 9.95 9.30
CA THR A 243 -22.47 8.49 9.43
C THR A 243 -23.13 7.86 8.20
N SER A 244 -22.75 6.62 7.93
CA SER A 244 -23.31 5.84 6.84
C SER A 244 -23.63 4.45 7.34
N PRO A 245 -24.80 3.91 6.95
CA PRO A 245 -25.17 2.52 7.29
C PRO A 245 -24.25 1.46 6.63
N LEU A 246 -23.29 1.88 5.81
CA LEU A 246 -22.53 0.98 4.96
C LEU A 246 -21.18 0.53 5.54
N GLU B 3 -1.63 -37.46 -10.87
CA GLU B 3 -2.10 -36.38 -11.79
C GLU B 3 -3.02 -35.38 -11.11
N THR B 4 -3.67 -35.75 -10.01
CA THR B 4 -4.48 -34.78 -9.27
C THR B 4 -3.77 -34.42 -7.98
N ALA B 5 -3.82 -33.14 -7.61
CA ALA B 5 -3.12 -32.66 -6.41
C ALA B 5 -4.09 -32.14 -5.36
N PRO B 6 -4.07 -32.70 -4.13
CA PRO B 6 -4.96 -32.19 -3.07
C PRO B 6 -4.46 -30.85 -2.48
N LEU B 7 -5.38 -30.04 -1.97
CA LEU B 7 -5.02 -28.79 -1.30
C LEU B 7 -4.26 -29.13 -0.02
N ARG B 8 -3.08 -28.56 0.13
CA ARG B 8 -2.36 -28.60 1.42
C ARG B 8 -1.90 -27.21 1.80
N VAL B 9 -2.23 -26.80 3.02
CA VAL B 9 -1.86 -25.51 3.56
C VAL B 9 -0.91 -25.83 4.73
N GLN B 10 0.33 -25.34 4.65
CA GLN B 10 1.34 -25.54 5.71
C GLN B 10 1.77 -24.17 6.30
N LEU B 11 1.56 -23.99 7.60
CA LEU B 11 2.05 -22.78 8.31
C LEU B 11 3.57 -22.84 8.44
N ILE B 12 4.26 -21.82 7.90
CA ILE B 12 5.74 -21.86 7.81
C ILE B 12 6.43 -20.73 8.58
N ALA B 13 5.69 -19.70 8.96
CA ALA B 13 6.24 -18.59 9.69
C ALA B 13 5.21 -17.96 10.57
N LYS B 14 5.68 -17.53 11.74
CA LYS B 14 4.92 -16.68 12.66
C LYS B 14 5.88 -15.72 13.39
N THR B 15 5.36 -14.95 14.35
CA THR B 15 6.13 -13.92 15.06
C THR B 15 6.87 -14.51 16.25
N ASP B 16 8.16 -14.19 16.36
CA ASP B 16 8.96 -14.37 17.56
C ASP B 16 8.98 -13.04 18.33
N PHE B 17 8.29 -13.00 19.48
CA PHE B 17 8.21 -11.77 20.27
C PHE B 17 9.22 -11.73 21.41
N LEU B 18 9.94 -10.62 21.52
CA LEU B 18 10.96 -10.43 22.54
C LEU B 18 10.67 -9.18 23.38
N ALA B 19 9.96 -9.36 24.50
CA ALA B 19 9.61 -8.25 25.40
C ALA B 19 10.83 -7.44 25.85
N PRO B 20 10.79 -6.11 25.69
CA PRO B 20 11.88 -5.30 26.20
C PRO B 20 11.86 -5.28 27.73
N PRO B 21 13.01 -5.63 28.37
CA PRO B 21 13.19 -5.64 29.82
C PRO B 21 12.86 -4.31 30.49
N ASP B 22 13.18 -3.20 29.82
CA ASP B 22 12.97 -1.86 30.39
C ASP B 22 11.51 -1.39 30.43
N VAL B 23 10.57 -2.21 29.96
CA VAL B 23 9.14 -1.90 30.03
C VAL B 23 8.43 -2.78 31.10
N PRO B 24 7.77 -2.14 32.08
CA PRO B 24 7.22 -2.88 33.24
C PRO B 24 5.90 -3.58 32.89
N TRP B 25 5.99 -4.62 32.07
CA TRP B 25 4.82 -5.33 31.59
C TRP B 25 5.16 -6.78 31.23
N THR B 26 4.24 -7.67 31.60
CA THR B 26 4.25 -9.05 31.15
C THR B 26 2.81 -9.42 30.81
N THR B 27 2.61 -10.51 30.07
CA THR B 27 1.25 -10.98 29.79
C THR B 27 1.17 -12.50 29.71
N ASP B 28 -0.06 -13.04 29.78
CA ASP B 28 -0.27 -14.49 29.74
C ASP B 28 -0.29 -15.03 28.30
N ALA B 29 0.68 -14.60 27.51
CA ALA B 29 0.78 -15.00 26.11
C ALA B 29 2.19 -14.85 25.58
N ASP B 30 2.44 -15.47 24.43
CA ASP B 30 3.67 -15.29 23.70
C ASP B 30 3.42 -14.92 22.23
N GLY B 31 4.48 -14.71 21.47
CA GLY B 31 4.39 -14.67 20.01
C GLY B 31 3.61 -13.49 19.48
N GLY B 32 2.83 -13.71 18.43
CA GLY B 32 2.06 -12.64 17.77
C GLY B 32 1.06 -11.96 18.68
N PRO B 33 0.21 -12.75 19.38
CA PRO B 33 -0.76 -12.13 20.29
C PRO B 33 -0.13 -11.26 21.38
N ALA B 34 1.03 -11.65 21.89
CA ALA B 34 1.77 -10.85 22.87
C ALA B 34 2.26 -9.52 22.29
N LEU B 35 2.78 -9.54 21.05
CA LEU B 35 3.22 -8.35 20.33
C LEU B 35 2.08 -7.39 20.09
N VAL B 36 0.93 -7.92 19.67
CA VAL B 36 -0.27 -7.10 19.43
C VAL B 36 -0.67 -6.32 20.71
N GLU B 37 -0.68 -7.00 21.86
CA GLU B 37 -1.02 -6.34 23.13
C GLU B 37 -0.01 -5.24 23.47
N PHE B 38 1.29 -5.56 23.28
CA PHE B 38 2.38 -4.64 23.52
C PHE B 38 2.20 -3.35 22.72
N ALA B 39 1.96 -3.52 21.43
CA ALA B 39 1.76 -2.38 20.52
C ALA B 39 0.55 -1.54 20.91
N GLY B 40 -0.54 -2.22 21.32
CA GLY B 40 -1.74 -1.52 21.77
C GLY B 40 -1.51 -0.73 23.06
N ARG B 41 -0.77 -1.33 23.98
CA ARG B 41 -0.45 -0.69 25.24
C ARG B 41 0.53 0.46 25.09
N ALA B 42 1.40 0.37 24.08
CA ALA B 42 2.37 1.43 23.81
C ALA B 42 1.72 2.80 23.55
N CYS B 43 0.56 2.82 22.88
CA CYS B 43 -0.20 4.06 22.61
C CYS B 43 -0.60 4.85 23.86
N TYR B 44 -0.88 4.18 24.97
CA TYR B 44 -1.24 4.91 26.20
C TYR B 44 -0.24 4.69 27.34
N GLN B 45 0.78 3.87 27.10
CA GLN B 45 1.78 3.47 28.11
C GLN B 45 1.10 2.80 29.33
N SER B 46 0.11 1.96 29.02
CA SER B 46 -0.75 1.37 30.05
C SER B 46 -0.19 0.06 30.53
N TRP B 47 1.11 0.02 30.76
CA TRP B 47 1.89 -1.17 31.14
C TRP B 47 1.41 -1.87 32.41
N SER B 48 0.99 -1.09 33.39
CA SER B 48 0.55 -1.62 34.67
C SER B 48 -0.91 -2.10 34.62
N LYS B 49 -1.53 -2.01 33.44
CA LYS B 49 -2.88 -2.51 33.18
C LYS B 49 -3.92 -1.82 34.08
N PRO B 52 -9.26 -2.73 34.71
CA PRO B 52 -9.15 -4.15 35.09
C PRO B 52 -10.06 -5.09 34.26
N LYS B 53 -10.75 -4.58 33.26
CA LYS B 53 -11.60 -5.40 32.38
C LYS B 53 -10.87 -5.93 31.13
N THR B 54 -9.61 -5.53 30.94
CA THR B 54 -8.80 -5.94 29.77
C THR B 54 -7.38 -6.37 30.19
N ALA B 55 -7.27 -6.93 31.39
CA ALA B 55 -5.98 -7.29 31.99
C ALA B 55 -5.41 -8.68 31.63
N THR B 56 -6.16 -9.50 30.89
CA THR B 56 -5.63 -10.71 30.25
C THR B 56 -5.32 -10.41 28.77
N ASN B 57 -4.56 -11.29 28.13
CA ASN B 57 -4.16 -11.06 26.74
C ASN B 57 -5.37 -11.22 25.80
N ALA B 58 -6.12 -12.32 25.97
CA ALA B 58 -7.34 -12.56 25.17
C ALA B 58 -8.41 -11.50 25.40
N GLY B 59 -8.55 -11.06 26.65
CA GLY B 59 -9.47 -9.97 26.95
C GLY B 59 -9.02 -8.67 26.31
N TYR B 60 -7.71 -8.42 26.36
CA TYR B 60 -7.16 -7.20 25.78
C TYR B 60 -7.38 -7.21 24.25
N LEU B 61 -7.08 -8.33 23.61
CA LEU B 61 -7.23 -8.45 22.15
C LEU B 61 -8.67 -8.35 21.71
N ARG B 62 -9.59 -8.97 22.46
CA ARG B 62 -11.02 -8.85 22.15
C ARG B 62 -11.48 -7.39 22.22
N HIS B 63 -11.04 -6.69 23.26
CA HIS B 63 -11.39 -5.28 23.44
C HIS B 63 -10.88 -4.38 22.30
N ILE B 64 -9.65 -4.61 21.88
CA ILE B 64 -9.05 -3.87 20.77
C ILE B 64 -9.95 -3.95 19.53
N ASP B 66 -13.32 -5.12 19.51
CA ASP B 66 -14.64 -4.56 19.85
C ASP B 66 -14.69 -3.04 19.63
N VAL B 67 -13.60 -2.35 19.96
CA VAL B 67 -13.54 -0.90 19.87
C VAL B 67 -12.98 -0.40 18.52
N GLY B 68 -12.66 -1.33 17.63
CA GLY B 68 -12.26 -1.02 16.25
C GLY B 68 -10.83 -0.57 16.00
N HIS B 69 -9.93 -0.88 16.93
CA HIS B 69 -8.50 -0.55 16.83
C HIS B 69 -7.75 -1.58 15.98
N PHE B 70 -8.22 -1.85 14.77
CA PHE B 70 -7.68 -2.97 14.00
C PHE B 70 -6.24 -2.82 13.52
N SER B 71 -5.72 -1.60 13.47
CA SER B 71 -4.37 -1.38 12.97
C SER B 71 -3.33 -2.00 13.89
N VAL B 72 -3.69 -2.21 15.15
CA VAL B 72 -2.74 -2.83 16.10
C VAL B 72 -2.44 -4.28 15.69
N LEU B 73 -3.38 -4.90 14.98
CA LEU B 73 -3.20 -6.28 14.50
C LEU B 73 -2.15 -6.40 13.40
N GLU B 74 -1.77 -5.27 12.80
CA GLU B 74 -0.84 -5.28 11.64
C GLU B 74 0.60 -5.68 12.00
N HIS B 75 0.93 -5.70 13.29
CA HIS B 75 2.31 -5.94 13.69
C HIS B 75 2.69 -7.41 13.61
N ALA B 76 1.71 -8.28 13.76
CA ALA B 76 2.00 -9.72 13.77
C ALA B 76 1.67 -10.31 12.41
N SER B 77 2.51 -11.21 11.91
CA SER B 77 2.21 -11.83 10.63
C SER B 77 2.40 -13.35 10.62
N VAL B 78 1.77 -13.99 9.63
CA VAL B 78 1.84 -15.44 9.46
C VAL B 78 2.02 -15.74 7.99
N SER B 79 2.84 -16.75 7.69
CA SER B 79 3.07 -17.20 6.31
C SER B 79 2.61 -18.63 6.11
N PHE B 80 2.00 -18.90 4.97
CA PHE B 80 1.66 -20.28 4.57
C PHE B 80 2.37 -20.65 3.28
N TYR B 81 2.71 -21.93 3.18
CA TYR B 81 3.05 -22.56 1.92
C TYR B 81 1.87 -23.39 1.48
N ILE B 82 1.35 -23.07 0.29
CA ILE B 82 0.13 -23.67 -0.20
C ILE B 82 0.40 -24.42 -1.49
N THR B 83 -0.03 -25.69 -1.53
CA THR B 83 0.08 -26.53 -2.71
C THR B 83 -1.33 -27.05 -3.06
N GLY B 84 -1.50 -27.56 -4.27
CA GLY B 84 -2.78 -28.16 -4.65
C GLY B 84 -3.85 -27.10 -4.74
N ILE B 85 -3.45 -25.94 -5.30
CA ILE B 85 -4.34 -24.82 -5.55
C ILE B 85 -4.27 -24.57 -7.06
N SER B 86 -5.42 -24.35 -7.69
CA SER B 86 -5.45 -24.16 -9.13
C SER B 86 -4.88 -22.80 -9.49
N ARG B 87 -4.41 -22.68 -10.73
CA ARG B 87 -3.96 -21.40 -11.25
C ARG B 87 -5.06 -20.37 -11.15
N SER B 88 -6.29 -20.79 -11.43
CA SER B 88 -7.42 -19.86 -11.38
C SER B 88 -7.79 -19.40 -9.97
N CYS B 89 -7.66 -20.28 -8.97
CA CYS B 89 -7.92 -19.89 -7.58
C CYS B 89 -6.86 -18.89 -7.13
N THR B 90 -5.61 -19.16 -7.47
CA THR B 90 -4.52 -18.26 -7.11
CA THR B 90 -4.51 -18.28 -7.14
C THR B 90 -4.70 -16.89 -7.75
N HIS B 91 -5.29 -16.82 -8.95
CA HIS B 91 -5.56 -15.54 -9.59
C HIS B 91 -6.53 -14.70 -8.74
N GLU B 92 -7.54 -15.36 -8.17
CA GLU B 92 -8.49 -14.72 -7.26
C GLU B 92 -7.77 -14.28 -5.99
N LEU B 93 -6.98 -15.20 -5.43
CA LEU B 93 -6.19 -14.93 -4.21
C LEU B 93 -5.30 -13.69 -4.30
N ILE B 94 -4.58 -13.52 -5.40
CA ILE B 94 -3.59 -12.43 -5.47
C ILE B 94 -4.20 -11.03 -5.75
N ARG B 95 -5.52 -10.99 -5.95
CA ARG B 95 -6.23 -9.71 -6.00
C ARG B 95 -6.19 -8.96 -4.64
N HIS B 96 -5.92 -9.71 -3.57
CA HIS B 96 -5.81 -9.14 -2.25
C HIS B 96 -4.53 -8.34 -2.04
N ARG B 97 -4.74 -7.07 -1.74
CA ARG B 97 -3.71 -6.16 -1.34
C ARG B 97 -3.30 -6.50 0.08
N HIS B 98 -2.15 -6.00 0.49
CA HIS B 98 -1.68 -6.15 1.88
C HIS B 98 -1.29 -7.57 2.22
N PHE B 99 -1.09 -8.37 1.18
CA PHE B 99 -0.37 -9.63 1.29
C PHE B 99 0.89 -9.57 0.45
N SER B 100 1.86 -10.42 0.80
CA SER B 100 3.02 -10.70 -0.06
C SER B 100 2.96 -12.14 -0.57
N TYR B 101 3.28 -12.33 -1.84
CA TYR B 101 3.24 -13.64 -2.50
C TYR B 101 4.55 -13.99 -3.19
N SER B 102 4.90 -15.27 -3.13
CA SER B 102 5.90 -15.85 -4.01
C SER B 102 5.28 -17.08 -4.66
N GLN B 103 5.12 -17.04 -5.98
CA GLN B 103 4.40 -18.07 -6.71
C GLN B 103 5.30 -18.92 -7.62
N LEU B 104 5.01 -20.22 -7.65
CA LEU B 104 5.58 -21.13 -8.63
C LEU B 104 5.61 -20.44 -10.01
N SER B 105 6.81 -20.35 -10.58
CA SER B 105 7.01 -19.63 -11.83
C SER B 105 6.16 -20.21 -12.95
N GLN B 106 5.68 -19.33 -13.82
CA GLN B 106 5.00 -19.73 -15.05
C GLN B 106 5.84 -20.73 -15.84
N ARG B 107 7.15 -20.48 -15.88
CA ARG B 107 8.12 -21.28 -16.63
C ARG B 107 8.44 -22.65 -16.01
N TYR B 108 7.65 -23.07 -15.02
CA TYR B 108 7.77 -24.41 -14.46
C TYR B 108 6.86 -25.41 -15.14
N VAL B 109 7.40 -26.60 -15.40
CA VAL B 109 6.68 -27.67 -16.07
C VAL B 109 7.03 -29.02 -15.43
N PRO B 110 6.07 -29.62 -14.69
CA PRO B 110 6.34 -30.89 -14.03
C PRO B 110 6.35 -32.07 -15.00
N SER B 114 1.86 -34.08 -15.77
CA SER B 114 0.93 -32.96 -15.63
C SER B 114 0.11 -33.12 -14.35
N ARG B 115 0.03 -32.06 -13.54
CA ARG B 115 -0.72 -32.10 -12.28
C ARG B 115 -1.86 -31.07 -12.22
N VAL B 116 -3.08 -31.57 -11.99
CA VAL B 116 -4.27 -30.72 -11.95
C VAL B 116 -5.00 -30.75 -10.62
N VAL B 117 -5.66 -29.65 -10.29
CA VAL B 117 -6.45 -29.56 -9.09
C VAL B 117 -7.91 -29.76 -9.48
N VAL B 118 -8.59 -30.69 -8.79
CA VAL B 118 -10.02 -30.96 -9.04
C VAL B 118 -10.88 -29.90 -8.34
N PRO B 119 -11.75 -29.20 -9.10
CA PRO B 119 -12.68 -28.28 -8.42
C PRO B 119 -13.48 -29.04 -7.36
N PRO B 120 -13.68 -28.40 -6.17
CA PRO B 120 -14.31 -29.03 -5.02
C PRO B 120 -15.65 -29.71 -5.30
N GLY B 121 -16.50 -29.08 -6.10
CA GLY B 121 -17.80 -29.64 -6.45
C GLY B 121 -17.76 -30.80 -7.43
N GLU B 123 -15.25 -33.27 -6.84
CA GLU B 123 -14.46 -34.25 -6.10
C GLU B 123 -15.16 -35.58 -5.84
N ASP B 124 -16.47 -35.54 -5.63
CA ASP B 124 -17.23 -36.77 -5.36
C ASP B 124 -17.75 -37.42 -6.63
N ASP B 125 -17.26 -36.97 -7.80
CA ASP B 125 -17.77 -37.39 -9.09
C ASP B 125 -16.67 -38.01 -9.98
N ALA B 126 -16.65 -39.34 -10.03
CA ALA B 126 -15.65 -40.09 -10.80
C ALA B 126 -15.65 -39.79 -12.30
N ASP B 127 -16.83 -39.59 -12.89
CA ASP B 127 -16.95 -39.24 -14.30
C ASP B 127 -16.28 -37.91 -14.61
N LEU B 128 -16.57 -36.90 -13.80
CA LEU B 128 -16.04 -35.54 -13.97
C LEU B 128 -14.53 -35.53 -13.76
N ARG B 129 -14.07 -36.25 -12.72
CA ARG B 129 -12.64 -36.38 -12.47
C ARG B 129 -11.95 -36.87 -13.74
N HIS B 130 -12.47 -37.97 -14.31
CA HIS B 130 -11.94 -38.52 -15.57
C HIS B 130 -11.99 -37.57 -16.76
N ILE B 131 -13.09 -36.85 -16.96
CA ILE B 131 -13.19 -35.89 -18.07
C ILE B 131 -12.13 -34.81 -17.89
N LEU B 132 -12.00 -34.29 -16.67
CA LEU B 132 -10.97 -33.30 -16.35
C LEU B 132 -9.52 -33.76 -16.66
N THR B 133 -9.13 -34.91 -16.13
CA THR B 133 -7.77 -35.41 -16.29
C THR B 133 -7.42 -35.79 -17.72
N GLU B 134 -8.40 -36.30 -18.46
CA GLU B 134 -8.22 -36.53 -19.90
C GLU B 134 -8.00 -35.23 -20.67
N ALA B 135 -8.76 -34.20 -20.30
CA ALA B 135 -8.61 -32.86 -20.86
C ALA B 135 -7.19 -32.35 -20.65
N ALA B 136 -6.69 -32.44 -19.42
CA ALA B 136 -5.32 -32.07 -19.04
C ALA B 136 -4.26 -32.84 -19.82
N ASP B 137 -4.54 -34.11 -20.11
CA ASP B 137 -3.60 -34.91 -20.92
C ASP B 137 -3.54 -34.44 -22.37
N ALA B 138 -4.71 -34.12 -22.93
CA ALA B 138 -4.83 -33.53 -24.26
C ALA B 138 -4.13 -32.16 -24.37
N ALA B 139 -4.34 -31.28 -23.39
CA ALA B 139 -3.67 -29.97 -23.38
C ALA B 139 -2.14 -30.13 -23.35
N ARG B 140 -1.66 -31.08 -22.53
CA ARG B 140 -0.23 -31.38 -22.44
C ARG B 140 0.34 -31.91 -23.77
N ALA B 141 -0.34 -32.88 -24.38
CA ALA B 141 0.01 -33.35 -25.71
C ALA B 141 0.15 -32.17 -26.67
N THR B 142 -0.87 -31.32 -26.70
CA THR B 142 -0.84 -30.08 -27.49
C THR B 142 0.33 -29.14 -27.16
N TYR B 143 0.68 -29.03 -25.88
CA TYR B 143 1.82 -28.23 -25.47
C TYR B 143 3.09 -28.73 -26.20
N SER B 144 3.34 -30.04 -26.12
CA SER B 144 4.54 -30.65 -26.72
C SER B 144 4.57 -30.53 -28.25
N GLU B 145 3.41 -30.70 -28.88
CA GLU B 145 3.28 -30.47 -30.32
C GLU B 145 3.61 -29.02 -30.71
N LEU B 146 3.07 -28.03 -29.97
CA LEU B 146 3.38 -26.61 -30.25
C LEU B 146 4.86 -26.32 -30.05
N LEU B 147 5.41 -26.79 -28.93
CA LEU B 147 6.79 -26.52 -28.54
C LEU B 147 7.83 -27.07 -29.53
N ALA B 148 7.65 -28.32 -29.96
CA ALA B 148 8.47 -28.91 -31.02
C ALA B 148 8.45 -28.02 -32.24
N LYS B 149 7.27 -27.79 -32.80
CA LYS B 149 7.09 -26.99 -34.00
C LYS B 149 7.63 -25.56 -33.86
N LEU B 150 7.55 -25.02 -32.65
CA LEU B 150 8.04 -23.67 -32.36
C LEU B 150 9.55 -23.58 -32.39
N GLU B 151 10.21 -24.58 -31.80
CA GLU B 151 11.68 -24.67 -31.86
C GLU B 151 12.22 -24.87 -33.30
N ALA B 152 11.50 -25.64 -34.11
CA ALA B 152 11.84 -25.82 -35.53
C ALA B 152 11.77 -24.52 -36.36
N LYS B 165 13.36 -20.31 -24.08
CA LYS B 165 12.48 -19.62 -23.13
C LYS B 165 11.16 -19.14 -23.76
N GLN B 166 11.26 -18.40 -24.87
CA GLN B 166 10.09 -17.83 -25.53
C GLN B 166 9.17 -18.90 -26.09
N ALA B 167 9.76 -19.92 -26.71
CA ALA B 167 9.01 -21.02 -27.31
C ALA B 167 8.16 -21.71 -26.25
N ARG B 168 8.74 -21.93 -25.07
CA ARG B 168 8.03 -22.51 -23.95
C ARG B 168 6.93 -21.55 -23.46
N GLN B 169 7.22 -20.25 -23.41
CA GLN B 169 6.23 -19.28 -22.99
C GLN B 169 5.04 -19.30 -23.94
N ALA B 170 5.33 -19.45 -25.23
CA ALA B 170 4.29 -19.51 -26.25
C ALA B 170 3.46 -20.81 -26.20
N ALA B 171 4.13 -21.95 -26.05
CA ALA B 171 3.42 -23.25 -25.95
C ALA B 171 2.50 -23.37 -24.72
N ARG B 172 2.92 -22.72 -23.63
CA ARG B 172 2.19 -22.64 -22.36
C ARG B 172 0.77 -22.08 -22.53
N ALA B 173 0.50 -21.45 -23.67
CA ALA B 173 -0.81 -20.89 -24.02
C ALA B 173 -2.01 -21.84 -23.92
N VAL B 174 -1.77 -23.15 -24.09
CA VAL B 174 -2.86 -24.16 -24.05
C VAL B 174 -3.09 -24.83 -22.70
N PRO B 176 -4.52 -25.52 -19.10
CA PRO B 176 -5.77 -25.14 -18.46
C PRO B 176 -5.63 -24.42 -17.12
N ASN B 177 -6.72 -23.80 -16.69
CA ASN B 177 -6.81 -23.11 -15.42
C ASN B 177 -6.66 -24.03 -14.22
N ALA B 178 -6.92 -25.32 -14.42
CA ALA B 178 -6.93 -26.32 -13.32
C ALA B 178 -5.53 -26.80 -12.94
N THR B 179 -4.55 -26.47 -13.77
CA THR B 179 -3.13 -26.73 -13.51
C THR B 179 -2.78 -26.30 -12.08
N GLU B 180 -2.09 -27.19 -11.36
CA GLU B 180 -1.66 -26.89 -10.01
C GLU B 180 -0.60 -25.81 -9.99
N THR B 181 -0.74 -24.89 -9.06
CA THR B 181 0.33 -24.02 -8.73
C THR B 181 0.64 -24.15 -7.23
N ARG B 182 1.68 -23.46 -6.79
CA ARG B 182 2.18 -23.49 -5.43
C ARG B 182 2.54 -22.06 -5.07
N ILE B 183 2.27 -21.66 -3.83
CA ILE B 183 2.46 -20.24 -3.46
C ILE B 183 2.75 -20.12 -1.97
N VAL B 184 3.69 -19.23 -1.66
CA VAL B 184 3.93 -18.73 -0.31
C VAL B 184 3.17 -17.40 -0.15
N VAL B 185 2.26 -17.38 0.80
CA VAL B 185 1.46 -16.21 1.08
C VAL B 185 1.75 -15.69 2.49
N THR B 186 2.04 -14.40 2.60
CA THR B 186 2.38 -13.81 3.91
C THR B 186 1.47 -12.63 4.18
N GLY B 187 0.86 -12.61 5.34
CA GLY B 187 -0.01 -11.50 5.69
C GLY B 187 -0.01 -11.20 7.17
N ASN B 188 -0.26 -9.93 7.54
CA ASN B 188 -0.46 -9.60 8.94
C ASN B 188 -1.87 -10.05 9.37
N TYR B 189 -2.12 -10.11 10.69
CA TYR B 189 -3.40 -10.61 11.19
C TYR B 189 -4.60 -9.84 10.64
N ARG B 190 -4.44 -8.52 10.50
CA ARG B 190 -5.54 -7.71 9.98
C ARG B 190 -5.90 -8.16 8.56
N ALA B 191 -4.87 -8.40 7.73
CA ALA B 191 -5.06 -8.88 6.36
C ALA B 191 -5.71 -10.28 6.27
N TRP B 192 -5.29 -11.19 7.16
CA TRP B 192 -5.88 -12.53 7.28
C TRP B 192 -7.36 -12.50 7.70
N ARG B 193 -7.67 -11.68 8.70
CA ARG B 193 -9.06 -11.47 9.17
C ARG B 193 -9.99 -10.97 8.06
N HIS B 194 -9.52 -10.04 7.22
CA HIS B 194 -10.32 -9.57 6.10
C HIS B 194 -10.45 -10.60 4.96
N PHE B 195 -9.35 -11.29 4.67
CA PHE B 195 -9.39 -12.36 3.69
C PHE B 195 -10.43 -13.42 4.06
N ILE B 196 -10.41 -13.87 5.32
CA ILE B 196 -11.38 -14.85 5.81
C ILE B 196 -12.84 -14.35 5.71
N ALA B 197 -13.12 -13.16 6.26
CA ALA B 197 -14.43 -12.50 6.16
C ALA B 197 -14.98 -12.45 4.75
N ARG B 199 -13.72 -14.19 1.95
CA ARG B 199 -13.66 -15.40 1.13
C ARG B 199 -14.33 -16.62 1.73
N ALA B 200 -14.69 -16.56 3.01
CA ALA B 200 -15.32 -17.70 3.67
C ALA B 200 -16.84 -17.52 3.78
N SER B 201 -17.41 -16.66 2.93
CA SER B 201 -18.84 -16.44 2.86
C SER B 201 -19.51 -17.28 1.77
N GLU B 202 -20.84 -17.36 1.86
CA GLU B 202 -21.72 -17.98 0.84
C GLU B 202 -21.38 -17.58 -0.60
N HIS B 203 -21.18 -16.28 -0.82
CA HIS B 203 -21.05 -15.74 -2.17
C HIS B 203 -19.71 -16.04 -2.80
N ALA B 204 -18.75 -16.49 -1.99
CA ALA B 204 -17.42 -16.82 -2.50
C ALA B 204 -17.37 -18.16 -3.26
N ASP B 205 -16.63 -18.13 -4.35
CA ASP B 205 -16.18 -19.30 -5.07
C ASP B 205 -15.74 -20.45 -4.16
N VAL B 206 -16.04 -21.70 -4.55
CA VAL B 206 -15.87 -22.84 -3.62
C VAL B 206 -14.42 -23.17 -3.30
N GLU B 207 -13.55 -23.14 -4.31
CA GLU B 207 -12.15 -23.45 -4.09
C GLU B 207 -11.51 -22.42 -3.14
N ILE B 208 -11.71 -21.13 -3.40
CA ILE B 208 -11.18 -20.11 -2.50
C ILE B 208 -11.82 -20.14 -1.10
N ARG B 209 -13.07 -20.56 -1.03
CA ARG B 209 -13.75 -20.66 0.26
C ARG B 209 -13.11 -21.77 1.11
N ARG B 210 -12.81 -22.90 0.49
CA ARG B 210 -12.20 -24.04 1.16
C ARG B 210 -10.83 -23.66 1.68
N LEU B 211 -10.10 -22.89 0.87
CA LEU B 211 -8.77 -22.42 1.26
C LEU B 211 -8.87 -21.51 2.48
N ALA B 212 -9.83 -20.58 2.45
CA ALA B 212 -10.06 -19.62 3.55
C ALA B 212 -10.40 -20.28 4.89
N ILE B 213 -11.21 -21.33 4.84
CA ILE B 213 -11.58 -22.11 6.02
C ILE B 213 -10.39 -22.92 6.54
N GLU B 214 -9.50 -23.34 5.65
CA GLU B 214 -8.30 -24.08 6.08
C GLU B 214 -7.33 -23.13 6.76
N CYS B 215 -7.06 -21.99 6.12
CA CYS B 215 -6.27 -20.94 6.74
C CYS B 215 -6.82 -20.53 8.08
N LEU B 216 -8.12 -20.24 8.17
CA LEU B 216 -8.78 -19.91 9.44
C LEU B 216 -8.52 -20.95 10.54
N ARG B 217 -8.75 -22.23 10.23
CA ARG B 217 -8.57 -23.33 11.19
C ARG B 217 -7.18 -23.27 11.82
N GLN B 218 -6.15 -23.11 10.98
CA GLN B 218 -4.76 -23.01 11.43
C GLN B 218 -4.42 -21.69 12.14
N LEU B 219 -5.02 -20.59 11.69
CA LEU B 219 -4.83 -19.29 12.35
C LEU B 219 -5.51 -19.32 13.73
N ALA B 220 -6.66 -19.96 13.82
CA ALA B 220 -7.34 -20.06 15.10
C ALA B 220 -6.52 -20.92 16.08
N ALA B 221 -5.79 -21.88 15.54
CA ALA B 221 -4.88 -22.73 16.32
C ALA B 221 -3.69 -21.98 16.90
N VAL B 222 -3.03 -21.15 16.09
CA VAL B 222 -1.83 -20.44 16.57
C VAL B 222 -2.13 -19.17 17.37
N ALA B 223 -3.23 -18.52 17.02
CA ALA B 223 -3.63 -17.28 17.66
C ALA B 223 -5.13 -17.27 17.94
N PRO B 224 -5.59 -18.11 18.90
CA PRO B 224 -7.01 -18.16 19.24
C PRO B 224 -7.63 -16.82 19.61
N ALA B 225 -6.91 -15.98 20.37
CA ALA B 225 -7.48 -14.69 20.80
C ALA B 225 -7.83 -13.76 19.61
N VAL B 226 -7.15 -13.94 18.48
CA VAL B 226 -7.37 -13.10 17.30
C VAL B 226 -8.44 -13.69 16.36
N PHE B 227 -8.52 -15.01 16.28
CA PHE B 227 -9.35 -15.66 15.26
C PHE B 227 -10.57 -16.45 15.76
N ALA B 228 -10.65 -16.65 17.08
CA ALA B 228 -11.74 -17.48 17.65
C ALA B 228 -13.15 -16.86 17.59
N ASP B 229 -13.25 -15.58 17.21
CA ASP B 229 -14.54 -14.90 16.99
C ASP B 229 -15.22 -15.26 15.65
N PHE B 230 -14.58 -16.13 14.87
CA PHE B 230 -15.14 -16.59 13.61
C PHE B 230 -15.89 -17.89 13.89
N GLU B 231 -17.18 -17.92 13.56
CA GLU B 231 -18.00 -19.13 13.72
C GLU B 231 -18.12 -19.93 12.43
N VAL B 232 -17.67 -21.16 12.46
CA VAL B 232 -17.73 -22.03 11.29
C VAL B 232 -19.00 -22.87 11.31
N THR B 233 -19.74 -22.83 10.20
CA THR B 233 -20.98 -23.59 10.07
C THR B 233 -21.00 -24.28 8.72
N THR B 234 -21.55 -25.50 8.70
CA THR B 234 -21.67 -26.26 7.47
C THR B 234 -22.98 -25.89 6.81
N LEU B 235 -22.97 -25.79 5.48
CA LEU B 235 -24.19 -25.64 4.70
C LEU B 235 -24.73 -27.02 4.34
N ALA B 236 -26.03 -27.09 4.06
CA ALA B 236 -26.69 -28.32 3.61
C ALA B 236 -26.06 -28.89 2.33
N ASP B 237 -25.43 -28.01 1.55
CA ASP B 237 -24.69 -28.41 0.33
C ASP B 237 -23.38 -29.14 0.66
N GLY B 238 -22.96 -29.07 1.92
CA GLY B 238 -21.76 -29.76 2.38
C GLY B 238 -20.57 -28.86 2.69
N THR B 239 -20.55 -27.67 2.09
CA THR B 239 -19.44 -26.72 2.27
C THR B 239 -19.55 -25.90 3.56
N GLU B 240 -18.40 -25.50 4.08
CA GLU B 240 -18.37 -24.70 5.30
C GLU B 240 -18.27 -23.23 4.99
N VAL B 241 -18.83 -22.43 5.90
CA VAL B 241 -18.84 -20.98 5.82
C VAL B 241 -18.40 -20.43 7.17
N ALA B 242 -17.68 -19.30 7.17
CA ALA B 242 -17.29 -18.63 8.41
C ALA B 242 -17.85 -17.22 8.48
N THR B 243 -18.31 -16.84 9.67
CA THR B 243 -18.90 -15.52 9.90
C THR B 243 -18.43 -15.00 11.24
N SER B 244 -18.21 -13.69 11.31
CA SER B 244 -17.85 -13.01 12.55
C SER B 244 -18.78 -11.83 12.82
N PRO B 245 -19.24 -11.68 14.07
CA PRO B 245 -20.05 -10.55 14.57
C PRO B 245 -19.42 -9.18 14.26
N THR C 4 -9.90 -15.30 -32.79
CA THR C 4 -8.70 -14.63 -32.18
C THR C 4 -8.92 -13.14 -31.95
N ALA C 5 -8.23 -12.58 -30.95
CA ALA C 5 -8.44 -11.18 -30.57
C ALA C 5 -7.10 -10.45 -30.49
N PRO C 6 -6.98 -9.28 -31.16
CA PRO C 6 -5.77 -8.47 -31.06
C PRO C 6 -5.75 -7.62 -29.81
N LEU C 7 -4.55 -7.27 -29.36
CA LEU C 7 -4.37 -6.36 -28.24
C LEU C 7 -4.96 -5.02 -28.64
N ARG C 8 -5.86 -4.49 -27.81
CA ARG C 8 -6.22 -3.07 -27.88
C ARG C 8 -6.08 -2.39 -26.52
N VAL C 9 -5.38 -1.26 -26.49
CA VAL C 9 -5.19 -0.45 -25.29
C VAL C 9 -5.86 0.89 -25.54
N GLN C 10 -6.93 1.19 -24.80
CA GLN C 10 -7.63 2.50 -24.94
C GLN C 10 -7.53 3.34 -23.65
N LEU C 11 -7.06 4.57 -23.81
CA LEU C 11 -6.97 5.53 -22.72
C LEU C 11 -8.35 6.09 -22.44
N ILE C 12 -8.89 5.83 -21.25
CA ILE C 12 -10.28 6.18 -20.93
C ILE C 12 -10.39 7.24 -19.84
N ALA C 13 -9.30 7.52 -19.14
CA ALA C 13 -9.32 8.56 -18.12
C ALA C 13 -7.97 9.15 -17.89
N LYS C 14 -8.00 10.45 -17.55
CA LYS C 14 -6.83 11.18 -17.11
C LYS C 14 -7.23 12.26 -16.07
N THR C 15 -6.26 13.01 -15.58
CA THR C 15 -6.48 14.07 -14.58
C THR C 15 -7.01 15.38 -15.19
N ASP C 16 -8.12 15.89 -14.64
CA ASP C 16 -8.54 17.29 -14.82
C ASP C 16 -7.90 18.15 -13.71
N PHE C 17 -7.13 19.18 -14.08
CA PHE C 17 -6.46 20.03 -13.09
C PHE C 17 -7.06 21.43 -13.02
N LEU C 18 -7.43 21.84 -11.80
CA LEU C 18 -8.05 23.15 -11.54
C LEU C 18 -7.17 23.97 -10.60
N ALA C 19 -6.42 24.91 -11.16
CA ALA C 19 -5.45 25.66 -10.38
C ALA C 19 -6.14 26.58 -9.37
N PRO C 20 -5.67 26.59 -8.11
CA PRO C 20 -6.24 27.50 -7.11
C PRO C 20 -5.95 28.96 -7.47
N PRO C 21 -7.00 29.77 -7.61
CA PRO C 21 -6.87 31.15 -8.08
C PRO C 21 -5.98 32.05 -7.22
N ASP C 22 -5.79 31.66 -5.95
CA ASP C 22 -5.14 32.53 -4.97
C ASP C 22 -3.63 32.27 -4.79
N VAL C 23 -3.09 31.34 -5.57
CA VAL C 23 -1.67 31.03 -5.53
C VAL C 23 -0.99 31.78 -6.68
N PRO C 24 0.06 32.56 -6.39
CA PRO C 24 0.66 33.38 -7.43
C PRO C 24 1.58 32.58 -8.33
N TRP C 25 1.00 31.65 -9.09
CA TRP C 25 1.77 30.74 -9.92
C TRP C 25 0.97 30.33 -11.14
N THR C 26 1.66 30.14 -12.25
CA THR C 26 1.06 29.63 -13.45
C THR C 26 2.09 28.79 -14.19
N THR C 27 1.62 27.99 -15.14
CA THR C 27 2.55 27.16 -15.92
C THR C 27 2.05 26.92 -17.34
N ASP C 28 2.95 26.51 -18.21
CA ASP C 28 2.64 26.24 -19.63
C ASP C 28 2.08 24.82 -19.87
N ALA C 29 1.39 24.29 -18.90
CA ALA C 29 0.90 22.93 -18.98
C ALA C 29 -0.49 22.87 -18.39
N ASP C 30 -1.19 21.77 -18.66
CA ASP C 30 -2.53 21.50 -18.11
C ASP C 30 -2.55 20.08 -17.50
N GLY C 31 -3.68 19.68 -16.92
CA GLY C 31 -3.87 18.28 -16.48
C GLY C 31 -2.83 17.76 -15.51
N GLY C 32 -2.57 16.45 -15.57
CA GLY C 32 -1.58 15.78 -14.71
C GLY C 32 -0.22 16.45 -14.63
N PRO C 33 0.41 16.77 -15.79
CA PRO C 33 1.69 17.46 -15.69
C PRO C 33 1.65 18.76 -14.87
N ALA C 34 0.55 19.50 -14.94
CA ALA C 34 0.40 20.74 -14.17
C ALA C 34 0.22 20.45 -12.67
N LEU C 35 -0.59 19.46 -12.34
CA LEU C 35 -0.83 19.07 -10.96
C LEU C 35 0.48 18.67 -10.27
N VAL C 36 1.30 17.91 -10.96
CA VAL C 36 2.57 17.44 -10.39
C VAL C 36 3.48 18.60 -10.01
N GLU C 37 3.62 19.56 -10.93
CA GLU C 37 4.41 20.75 -10.67
C GLU C 37 3.87 21.54 -9.48
N PHE C 38 2.55 21.76 -9.46
CA PHE C 38 1.90 22.43 -8.34
C PHE C 38 2.23 21.75 -7.01
N ALA C 39 2.09 20.43 -6.98
CA ALA C 39 2.30 19.66 -5.74
C ALA C 39 3.73 19.80 -5.26
N GLY C 40 4.70 19.62 -6.18
CA GLY C 40 6.10 19.83 -5.88
C GLY C 40 6.39 21.23 -5.35
N ARG C 41 5.88 22.25 -6.05
CA ARG C 41 6.09 23.64 -5.62
C ARG C 41 5.45 23.95 -4.27
N ALA C 42 4.29 23.33 -4.01
CA ALA C 42 3.62 23.46 -2.70
C ALA C 42 4.49 23.11 -1.52
N CYS C 43 5.43 22.16 -1.70
CA CYS C 43 6.32 21.73 -0.63
C CYS C 43 7.23 22.85 -0.07
N TYR C 44 7.61 23.78 -0.92
CA TYR C 44 8.50 24.89 -0.51
C TYR C 44 7.82 26.23 -0.73
N GLN C 45 6.53 26.19 -1.03
CA GLN C 45 5.79 27.36 -1.52
C GLN C 45 6.68 28.15 -2.50
N SER C 46 7.29 27.46 -3.47
CA SER C 46 8.18 28.14 -4.44
C SER C 46 7.44 28.54 -5.72
N TRP C 47 6.49 29.46 -5.56
CA TRP C 47 5.63 29.88 -6.67
C TRP C 47 6.33 30.86 -7.64
N SER C 48 7.37 31.52 -7.17
CA SER C 48 8.11 32.49 -7.99
C SER C 48 9.24 31.85 -8.81
N THR C 54 14.48 25.70 -13.97
CA THR C 54 13.37 24.77 -14.02
C THR C 54 12.05 25.54 -14.20
N ALA C 55 12.08 26.53 -15.09
CA ALA C 55 11.02 27.54 -15.20
C ALA C 55 9.95 27.24 -16.24
N THR C 56 10.14 26.12 -16.94
CA THR C 56 9.09 25.53 -17.75
C THR C 56 8.62 24.22 -17.11
N ASN C 57 7.37 23.82 -17.37
CA ASN C 57 6.82 22.59 -16.78
C ASN C 57 7.74 21.39 -17.09
N ALA C 58 8.05 21.22 -18.38
CA ALA C 58 9.00 20.20 -18.82
C ALA C 58 10.28 20.18 -17.98
N GLY C 59 10.90 21.35 -17.82
CA GLY C 59 12.18 21.48 -17.10
C GLY C 59 12.02 21.24 -15.60
N TYR C 60 10.92 21.77 -15.05
CA TYR C 60 10.56 21.47 -13.68
C TYR C 60 10.38 19.96 -13.45
N LEU C 61 9.59 19.30 -14.29
CA LEU C 61 9.43 17.83 -14.18
C LEU C 61 10.75 17.09 -14.39
N ARG C 62 11.55 17.52 -15.36
CA ARG C 62 12.90 16.95 -15.52
C ARG C 62 13.68 17.02 -14.23
N HIS C 63 13.71 18.20 -13.62
CA HIS C 63 14.47 18.41 -12.38
C HIS C 63 14.01 17.53 -11.23
N ILE C 64 12.69 17.50 -10.99
CA ILE C 64 12.04 16.66 -9.97
C ILE C 64 12.56 15.22 -9.99
N ASP C 66 15.34 14.05 -11.68
CA ASP C 66 16.80 14.03 -11.42
C ASP C 66 17.11 14.02 -9.92
N VAL C 67 16.42 14.89 -9.19
CA VAL C 67 16.59 15.04 -7.75
C VAL C 67 15.90 13.90 -6.96
N GLY C 68 15.22 13.00 -7.71
CA GLY C 68 14.61 11.79 -7.16
C GLY C 68 13.36 11.95 -6.31
N HIS C 69 12.71 13.11 -6.41
CA HIS C 69 11.49 13.40 -5.64
C HIS C 69 10.26 12.82 -6.36
N PHE C 70 10.22 11.51 -6.50
CA PHE C 70 9.21 10.84 -7.31
C PHE C 70 7.80 10.79 -6.69
N SER C 71 7.68 11.01 -5.39
CA SER C 71 6.37 10.95 -4.72
C SER C 71 5.42 11.99 -5.26
N VAL C 72 5.95 13.07 -5.83
CA VAL C 72 5.09 14.09 -6.43
C VAL C 72 4.31 13.56 -7.66
N LEU C 73 4.85 12.52 -8.31
CA LEU C 73 4.16 11.91 -9.45
C LEU C 73 2.86 11.19 -9.11
N GLU C 74 2.69 10.80 -7.86
CA GLU C 74 1.52 10.06 -7.41
C GLU C 74 0.17 10.80 -7.51
N HIS C 75 0.17 12.12 -7.63
CA HIS C 75 -1.09 12.87 -7.66
C HIS C 75 -1.88 12.73 -8.95
N ALA C 76 -1.20 12.42 -10.05
CA ALA C 76 -1.87 12.34 -11.37
C ALA C 76 -2.05 10.89 -11.80
N SER C 77 -3.23 10.56 -12.32
CA SER C 77 -3.54 9.17 -12.65
C SER C 77 -4.10 9.03 -14.07
N VAL C 78 -3.96 7.84 -14.62
CA VAL C 78 -4.41 7.47 -15.97
C VAL C 78 -5.03 6.08 -15.90
N SER C 79 -6.17 5.90 -16.58
CA SER C 79 -6.80 4.59 -16.74
C SER C 79 -6.86 4.18 -18.18
N PHE C 80 -6.65 2.89 -18.41
CA PHE C 80 -6.78 2.24 -19.72
C PHE C 80 -7.85 1.17 -19.66
N TYR C 81 -8.56 0.97 -20.78
CA TYR C 81 -9.37 -0.22 -20.98
C TYR C 81 -8.64 -1.09 -21.98
N ILE C 82 -8.26 -2.29 -21.53
CA ILE C 82 -7.42 -3.19 -22.28
C ILE C 82 -8.17 -4.47 -22.66
N THR C 83 -8.13 -4.79 -23.95
CA THR C 83 -8.79 -6.00 -24.48
C THR C 83 -7.76 -6.75 -25.31
N GLY C 84 -8.02 -8.02 -25.63
CA GLY C 84 -7.05 -8.81 -26.36
C GLY C 84 -5.81 -9.14 -25.55
N ILE C 85 -6.02 -9.39 -24.27
CA ILE C 85 -4.94 -9.76 -23.36
C ILE C 85 -5.30 -11.16 -22.85
N SER C 86 -4.30 -12.02 -22.72
CA SER C 86 -4.53 -13.39 -22.28
C SER C 86 -4.68 -13.42 -20.76
N ARG C 87 -5.37 -14.44 -20.27
CA ARG C 87 -5.48 -14.69 -18.84
C ARG C 87 -4.11 -14.67 -18.16
N SER C 88 -3.14 -15.38 -18.74
CA SER C 88 -1.79 -15.50 -18.15
C SER C 88 -1.07 -14.15 -18.12
N CYS C 89 -1.28 -13.34 -19.15
CA CYS C 89 -0.71 -12.00 -19.18
C CYS C 89 -1.34 -11.14 -18.10
N THR C 90 -2.66 -11.26 -17.89
CA THR C 90 -3.30 -10.46 -16.84
CA THR C 90 -3.35 -10.51 -16.87
C THR C 90 -2.87 -10.88 -15.46
N HIS C 91 -2.62 -12.18 -15.26
CA HIS C 91 -2.12 -12.67 -13.96
C HIS C 91 -0.79 -12.02 -13.61
N GLU C 92 0.08 -11.84 -14.59
CA GLU C 92 1.33 -11.13 -14.34
C GLU C 92 1.05 -9.66 -14.04
N LEU C 93 0.16 -9.08 -14.83
CA LEU C 93 -0.20 -7.68 -14.66
C LEU C 93 -0.70 -7.36 -13.24
N ILE C 94 -1.63 -8.17 -12.71
CA ILE C 94 -2.26 -7.80 -11.43
C ILE C 94 -1.37 -8.03 -10.20
N ARG C 95 -0.18 -8.58 -10.41
CA ARG C 95 0.85 -8.65 -9.37
C ARG C 95 1.31 -7.27 -8.92
N HIS C 96 1.08 -6.26 -9.76
CA HIS C 96 1.53 -4.93 -9.43
C HIS C 96 0.56 -4.30 -8.46
N ARG C 97 1.09 -3.97 -7.30
CA ARG C 97 0.43 -3.18 -6.30
C ARG C 97 0.47 -1.69 -6.67
N HIS C 98 -0.37 -0.90 -6.05
CA HIS C 98 -0.50 0.53 -6.39
C HIS C 98 -1.15 0.76 -7.77
N PHE C 99 -1.82 -0.27 -8.29
CA PHE C 99 -2.78 -0.11 -9.40
C PHE C 99 -4.15 -0.52 -8.87
N SER C 100 -5.21 -0.03 -9.49
CA SER C 100 -6.55 -0.63 -9.29
C SER C 100 -6.98 -1.30 -10.56
N TYR C 101 -7.64 -2.45 -10.41
CA TYR C 101 -8.06 -3.29 -11.53
C TYR C 101 -9.55 -3.56 -11.45
N SER C 102 -10.24 -3.59 -12.59
CA SER C 102 -11.58 -4.20 -12.69
C SER C 102 -11.54 -5.15 -13.88
N GLN C 103 -11.61 -6.45 -13.62
CA GLN C 103 -11.47 -7.44 -14.69
C GLN C 103 -12.75 -8.14 -15.04
N LEU C 104 -12.92 -8.42 -16.33
CA LEU C 104 -13.96 -9.30 -16.85
C LEU C 104 -14.16 -10.55 -15.97
N SER C 105 -15.38 -10.82 -15.53
CA SER C 105 -15.67 -11.97 -14.67
C SER C 105 -15.36 -13.30 -15.34
N GLN C 106 -14.79 -14.25 -14.59
CA GLN C 106 -14.46 -15.56 -15.15
C GLN C 106 -15.75 -16.28 -15.54
N ARG C 107 -16.81 -16.03 -14.77
CA ARG C 107 -18.15 -16.55 -15.01
C ARG C 107 -18.72 -16.18 -16.39
N TYR C 108 -18.25 -15.07 -16.94
CA TYR C 108 -18.69 -14.60 -18.25
C TYR C 108 -18.19 -15.50 -19.38
N VAL C 109 -19.09 -15.80 -20.32
CA VAL C 109 -18.81 -16.68 -21.47
C VAL C 109 -19.45 -16.12 -22.76
N PRO C 110 -18.61 -15.84 -23.79
CA PRO C 110 -19.08 -15.27 -25.06
C PRO C 110 -20.14 -16.11 -25.78
N SER C 114 -15.52 -19.03 -28.20
CA SER C 114 -14.14 -18.93 -27.71
C SER C 114 -13.33 -17.80 -28.37
N ARG C 115 -12.90 -16.85 -27.54
CA ARG C 115 -11.95 -15.80 -27.94
C ARG C 115 -10.59 -16.10 -27.31
N VAL C 116 -9.58 -16.17 -28.17
CA VAL C 116 -8.25 -16.56 -27.76
C VAL C 116 -7.24 -15.53 -28.24
N VAL C 117 -6.19 -15.33 -27.44
CA VAL C 117 -5.09 -14.41 -27.78
C VAL C 117 -3.90 -15.24 -28.23
N VAL C 118 -3.41 -14.94 -29.43
CA VAL C 118 -2.27 -15.67 -29.99
C VAL C 118 -0.97 -15.10 -29.43
N PRO C 119 -0.11 -15.97 -28.84
CA PRO C 119 1.20 -15.52 -28.41
C PRO C 119 1.98 -14.86 -29.56
N PRO C 120 2.66 -13.73 -29.26
CA PRO C 120 3.32 -12.89 -30.28
C PRO C 120 4.30 -13.67 -31.17
N GLY C 121 4.97 -14.67 -30.58
CA GLY C 121 5.87 -15.55 -31.32
C GLY C 121 5.19 -16.47 -32.34
N GLU C 123 2.07 -15.60 -33.84
CA GLU C 123 1.17 -14.82 -34.69
C GLU C 123 1.59 -14.89 -36.15
N ASP C 124 2.78 -15.46 -36.36
CA ASP C 124 3.50 -15.56 -37.63
C ASP C 124 2.95 -16.67 -38.54
N ASP C 125 2.35 -17.69 -37.92
CA ASP C 125 2.26 -19.05 -38.45
C ASP C 125 0.82 -19.59 -38.50
N ALA C 126 0.45 -20.18 -39.63
CA ALA C 126 -0.93 -20.66 -39.85
C ALA C 126 -1.20 -21.98 -39.15
N ASP C 127 -0.17 -22.82 -39.09
CA ASP C 127 -0.21 -24.15 -38.50
C ASP C 127 -0.27 -24.03 -36.98
N LEU C 128 0.61 -23.21 -36.42
CA LEU C 128 0.62 -22.95 -34.97
C LEU C 128 -0.69 -22.32 -34.51
N ARG C 129 -1.15 -21.32 -35.25
CA ARG C 129 -2.43 -20.65 -34.99
C ARG C 129 -3.60 -21.63 -35.02
N HIS C 130 -3.62 -22.50 -36.03
CA HIS C 130 -4.64 -23.53 -36.18
C HIS C 130 -4.61 -24.56 -35.04
N ILE C 131 -3.44 -25.05 -34.67
CA ILE C 131 -3.30 -25.94 -33.51
C ILE C 131 -3.95 -25.31 -32.27
N LEU C 132 -3.68 -24.01 -32.09
CA LEU C 132 -4.16 -23.26 -30.94
C LEU C 132 -5.69 -23.12 -30.90
N THR C 133 -6.29 -22.63 -31.98
CA THR C 133 -7.75 -22.45 -31.99
C THR C 133 -8.49 -23.78 -31.86
N GLU C 134 -7.98 -24.82 -32.52
CA GLU C 134 -8.50 -26.18 -32.36
C GLU C 134 -8.52 -26.59 -30.91
N ALA C 135 -7.38 -26.47 -30.25
CA ALA C 135 -7.28 -26.73 -28.79
C ALA C 135 -8.30 -25.94 -27.95
N ALA C 136 -8.56 -24.69 -28.32
CA ALA C 136 -9.53 -23.84 -27.63
C ALA C 136 -10.95 -24.34 -27.84
N ASP C 137 -11.25 -24.80 -29.05
CA ASP C 137 -12.55 -25.40 -29.37
C ASP C 137 -12.76 -26.69 -28.60
N ALA C 138 -11.73 -27.51 -28.52
CA ALA C 138 -11.76 -28.76 -27.72
C ALA C 138 -12.01 -28.50 -26.23
N ALA C 139 -11.40 -27.44 -25.71
CA ALA C 139 -11.60 -27.02 -24.33
C ALA C 139 -13.05 -26.58 -24.06
N ARG C 140 -13.61 -25.74 -24.96
CA ARG C 140 -15.01 -25.31 -24.82
C ARG C 140 -15.99 -26.47 -24.87
N ALA C 141 -15.75 -27.40 -25.78
CA ALA C 141 -16.54 -28.64 -25.86
C ALA C 141 -16.52 -29.38 -24.52
N THR C 142 -15.33 -29.56 -23.96
CA THR C 142 -15.19 -30.14 -22.62
C THR C 142 -15.94 -29.31 -21.55
N TYR C 143 -15.86 -27.98 -21.65
CA TYR C 143 -16.54 -27.10 -20.70
C TYR C 143 -18.06 -27.41 -20.63
N SER C 144 -18.70 -27.56 -21.79
CA SER C 144 -20.14 -27.84 -21.85
C SER C 144 -20.50 -29.21 -21.28
N GLU C 145 -19.66 -30.19 -21.55
CA GLU C 145 -19.77 -31.56 -21.02
C GLU C 145 -19.66 -31.58 -19.49
N LEU C 146 -18.70 -30.82 -18.95
CA LEU C 146 -18.49 -30.75 -17.50
C LEU C 146 -19.65 -30.05 -16.83
N LEU C 147 -20.09 -28.94 -17.43
CA LEU C 147 -21.19 -28.16 -16.88
C LEU C 147 -22.49 -28.97 -16.79
N ALA C 148 -22.84 -29.66 -17.87
CA ALA C 148 -24.04 -30.48 -17.95
C ALA C 148 -24.12 -31.46 -16.79
N LYS C 149 -23.08 -32.26 -16.63
CA LYS C 149 -23.03 -33.26 -15.57
C LYS C 149 -22.93 -32.64 -14.18
N LEU C 150 -22.33 -31.45 -14.10
CA LEU C 150 -22.11 -30.79 -12.82
C LEU C 150 -23.38 -30.16 -12.22
N GLU C 151 -24.25 -29.61 -13.06
CA GLU C 151 -25.38 -28.83 -12.55
C GLU C 151 -26.50 -29.69 -11.97
N ALA C 152 -26.54 -30.97 -12.38
CA ALA C 152 -27.52 -31.92 -11.88
C ALA C 152 -27.49 -32.06 -10.35
N ARG C 164 -25.80 -23.11 -9.16
CA ARG C 164 -25.60 -23.34 -10.58
C ARG C 164 -24.64 -22.32 -11.18
N LYS C 165 -24.66 -21.11 -10.64
CA LYS C 165 -23.80 -20.02 -11.11
C LYS C 165 -22.34 -20.25 -10.75
N GLN C 166 -22.09 -20.83 -9.58
CA GLN C 166 -20.73 -21.13 -9.16
C GLN C 166 -20.17 -22.32 -9.94
N ALA C 167 -21.05 -23.28 -10.23
CA ALA C 167 -20.76 -24.42 -11.11
C ALA C 167 -20.21 -23.98 -12.47
N ARG C 168 -20.80 -22.93 -13.04
CA ARG C 168 -20.34 -22.40 -14.32
C ARG C 168 -18.90 -21.96 -14.19
N GLN C 169 -18.63 -21.17 -13.16
CA GLN C 169 -17.26 -20.71 -12.89
C GLN C 169 -16.28 -21.88 -12.73
N ALA C 170 -16.71 -22.90 -11.99
CA ALA C 170 -15.86 -24.09 -11.75
C ALA C 170 -15.63 -25.02 -12.95
N ALA C 171 -16.56 -25.07 -13.90
CA ALA C 171 -16.34 -25.86 -15.13
C ALA C 171 -15.32 -25.19 -16.09
N ARG C 172 -15.06 -23.91 -15.87
CA ARG C 172 -14.00 -23.24 -16.62
C ARG C 172 -12.60 -23.65 -16.16
N ALA C 173 -12.51 -24.70 -15.33
CA ALA C 173 -11.24 -25.34 -15.00
C ALA C 173 -10.46 -25.72 -16.26
N VAL C 174 -11.18 -25.99 -17.35
CA VAL C 174 -10.57 -26.53 -18.55
C VAL C 174 -10.10 -25.50 -19.59
N PRO C 176 -7.97 -22.68 -21.47
CA PRO C 176 -6.54 -22.43 -21.60
C PRO C 176 -6.11 -21.02 -21.16
N ASN C 177 -4.81 -20.90 -20.87
CA ASN C 177 -4.12 -19.64 -20.60
C ASN C 177 -4.39 -18.55 -21.61
N ALA C 178 -4.54 -18.94 -22.87
CA ALA C 178 -4.67 -17.99 -23.98
C ALA C 178 -6.06 -17.35 -24.12
N THR C 179 -7.05 -17.87 -23.38
CA THR C 179 -8.41 -17.29 -23.31
C THR C 179 -8.33 -15.78 -23.11
N GLU C 180 -9.08 -15.01 -23.92
CA GLU C 180 -9.03 -13.56 -23.82
C GLU C 180 -9.72 -13.10 -22.55
N THR C 181 -9.17 -12.06 -21.93
CA THR C 181 -9.86 -11.34 -20.87
C THR C 181 -9.79 -9.84 -21.17
N ARG C 182 -10.48 -9.04 -20.38
CA ARG C 182 -10.52 -7.60 -20.61
C ARG C 182 -10.41 -6.98 -19.25
N ILE C 183 -9.88 -5.77 -19.19
CA ILE C 183 -9.55 -5.19 -17.90
C ILE C 183 -9.43 -3.68 -17.95
N VAL C 184 -9.97 -3.06 -16.92
CA VAL C 184 -9.72 -1.63 -16.63
C VAL C 184 -8.58 -1.54 -15.62
N VAL C 185 -7.50 -0.86 -16.02
CA VAL C 185 -6.35 -0.59 -15.14
C VAL C 185 -6.19 0.92 -14.88
N THR C 186 -6.08 1.29 -13.61
CA THR C 186 -5.77 2.68 -13.21
C THR C 186 -4.54 2.72 -12.32
N GLY C 187 -3.61 3.61 -12.65
CA GLY C 187 -2.45 3.88 -11.79
C GLY C 187 -2.02 5.35 -11.83
N ASN C 188 -1.40 5.84 -10.76
CA ASN C 188 -0.74 7.16 -10.81
C ASN C 188 0.53 7.09 -11.67
N TYR C 189 1.10 8.25 -12.03
CA TYR C 189 2.29 8.26 -12.88
C TYR C 189 3.46 7.48 -12.32
N ARG C 190 3.60 7.50 -10.99
CA ARG C 190 4.71 6.81 -10.37
C ARG C 190 4.57 5.30 -10.62
N ALA C 191 3.36 4.78 -10.44
CA ALA C 191 3.08 3.34 -10.62
C ALA C 191 3.28 2.92 -12.06
N TRP C 192 2.80 3.73 -13.01
CA TRP C 192 3.04 3.46 -14.43
C TRP C 192 4.51 3.38 -14.79
N ARG C 193 5.33 4.31 -14.28
CA ARG C 193 6.76 4.35 -14.60
C ARG C 193 7.48 3.08 -14.10
N HIS C 194 7.11 2.64 -12.91
CA HIS C 194 7.66 1.38 -12.40
C HIS C 194 7.16 0.15 -13.20
N PHE C 195 5.88 0.11 -13.56
CA PHE C 195 5.35 -0.97 -14.43
C PHE C 195 6.12 -1.04 -15.75
N ILE C 196 6.36 0.11 -16.38
CA ILE C 196 7.14 0.16 -17.62
C ILE C 196 8.61 -0.24 -17.42
N ALA C 197 9.28 0.32 -16.42
CA ALA C 197 10.66 -0.09 -16.11
C ALA C 197 10.82 -1.65 -15.94
N ARG C 199 8.43 -4.20 -16.81
CA ARG C 199 7.79 -5.08 -17.78
C ARG C 199 8.17 -4.77 -19.24
N ALA C 200 8.84 -3.64 -19.49
CA ALA C 200 9.30 -3.34 -20.85
C ALA C 200 10.79 -3.64 -21.03
N SER C 201 11.34 -4.49 -20.17
CA SER C 201 12.73 -4.90 -20.26
C SER C 201 12.87 -6.27 -20.95
N GLU C 202 14.09 -6.62 -21.35
CA GLU C 202 14.35 -7.90 -22.02
C GLU C 202 14.00 -9.09 -21.10
N HIS C 203 14.01 -8.84 -19.79
CA HIS C 203 13.70 -9.88 -18.80
C HIS C 203 12.21 -10.23 -18.69
N ALA C 204 11.35 -9.47 -19.37
CA ALA C 204 9.91 -9.75 -19.35
C ALA C 204 9.46 -10.52 -20.59
N ASP C 205 8.43 -11.33 -20.44
CA ASP C 205 7.93 -12.12 -21.58
C ASP C 205 7.30 -11.19 -22.58
N VAL C 206 7.15 -11.69 -23.81
CA VAL C 206 6.86 -10.82 -24.94
C VAL C 206 5.48 -10.20 -24.90
N GLU C 207 4.50 -10.91 -24.31
CA GLU C 207 3.12 -10.38 -24.28
C GLU C 207 2.96 -9.19 -23.35
N ILE C 208 3.40 -9.32 -22.10
CA ILE C 208 3.37 -8.18 -21.19
C ILE C 208 4.32 -7.03 -21.64
N ARG C 209 5.42 -7.37 -22.30
CA ARG C 209 6.36 -6.36 -22.80
C ARG C 209 5.72 -5.54 -23.91
N ARG C 210 5.06 -6.23 -24.83
CA ARG C 210 4.23 -5.60 -25.85
C ARG C 210 3.17 -4.64 -25.26
N LEU C 211 2.50 -5.09 -24.21
CA LEU C 211 1.49 -4.29 -23.53
C LEU C 211 2.14 -3.06 -22.87
N ALA C 212 3.26 -3.28 -22.17
CA ALA C 212 4.01 -2.22 -21.50
C ALA C 212 4.46 -1.11 -22.47
N ILE C 213 4.93 -1.49 -23.65
CA ILE C 213 5.36 -0.54 -24.69
C ILE C 213 4.16 0.26 -25.22
N GLU C 214 3.02 -0.41 -25.41
CA GLU C 214 1.79 0.30 -25.82
C GLU C 214 1.23 1.28 -24.78
N CYS C 215 1.26 0.92 -23.49
CA CYS C 215 0.90 1.88 -22.43
C CYS C 215 1.84 3.10 -22.42
N LEU C 216 3.14 2.86 -22.48
CA LEU C 216 4.16 3.92 -22.55
C LEU C 216 3.90 4.89 -23.70
N ARG C 217 3.64 4.35 -24.87
CA ARG C 217 3.23 5.12 -26.04
C ARG C 217 2.07 6.06 -25.72
N GLN C 218 0.99 5.51 -25.18
CA GLN C 218 -0.18 6.32 -24.87
C GLN C 218 0.09 7.31 -23.71
N LEU C 219 0.86 6.86 -22.71
CA LEU C 219 1.26 7.73 -21.59
C LEU C 219 2.10 8.92 -22.04
N ALA C 220 3.05 8.71 -22.95
CA ALA C 220 3.86 9.81 -23.50
C ALA C 220 3.01 10.83 -24.27
N ALA C 221 1.92 10.40 -24.89
CA ALA C 221 1.02 11.32 -25.61
C ALA C 221 0.32 12.30 -24.67
N VAL C 222 -0.05 11.83 -23.47
CA VAL C 222 -0.69 12.71 -22.51
C VAL C 222 0.28 13.37 -21.51
N ALA C 223 1.39 12.70 -21.22
CA ALA C 223 2.36 13.23 -20.26
C ALA C 223 3.82 13.13 -20.74
N PRO C 224 4.16 13.80 -21.87
CA PRO C 224 5.50 13.70 -22.48
C PRO C 224 6.62 13.91 -21.48
N ALA C 225 6.57 15.03 -20.76
CA ALA C 225 7.60 15.39 -19.78
C ALA C 225 7.82 14.29 -18.73
N VAL C 226 6.74 13.66 -18.29
CA VAL C 226 6.85 12.62 -17.26
C VAL C 226 7.59 11.37 -17.74
N PHE C 227 7.42 11.02 -19.01
CA PHE C 227 7.97 9.79 -19.57
C PHE C 227 9.14 9.98 -20.56
N ALA C 228 9.68 11.20 -20.62
CA ALA C 228 10.79 11.56 -21.52
C ALA C 228 12.08 10.77 -21.32
N ASP C 229 12.33 10.34 -20.09
CA ASP C 229 13.53 9.56 -19.77
C ASP C 229 13.52 8.12 -20.31
N PHE C 230 12.33 7.58 -20.61
CA PHE C 230 12.25 6.28 -21.29
C PHE C 230 12.51 6.41 -22.78
N GLU C 231 13.37 5.55 -23.30
CA GLU C 231 13.54 5.45 -24.74
C GLU C 231 13.35 4.00 -25.16
N VAL C 232 12.77 3.82 -26.35
CA VAL C 232 12.48 2.49 -26.87
C VAL C 232 13.59 2.01 -27.82
N THR C 233 14.12 0.82 -27.55
CA THR C 233 15.08 0.19 -28.44
C THR C 233 14.46 -1.08 -29.08
N THR C 234 14.38 -1.08 -30.40
CA THR C 234 13.82 -2.18 -31.16
C THR C 234 14.88 -3.27 -31.40
N LEU C 235 14.73 -4.39 -30.68
CA LEU C 235 15.72 -5.50 -30.71
C LEU C 235 15.80 -6.15 -32.10
N ALA C 236 16.95 -6.79 -32.38
CA ALA C 236 17.16 -7.51 -33.64
C ALA C 236 16.20 -8.70 -33.68
N ASP C 237 16.14 -9.38 -32.54
CA ASP C 237 15.09 -10.34 -32.18
C ASP C 237 13.69 -9.92 -32.65
N GLY C 238 13.48 -8.63 -32.84
CA GLY C 238 12.24 -8.12 -33.48
C GLY C 238 11.32 -7.28 -32.60
N THR C 239 11.36 -7.53 -31.30
CA THR C 239 10.47 -6.87 -30.35
C THR C 239 11.07 -5.57 -29.81
N GLU C 240 10.30 -4.80 -29.06
CA GLU C 240 10.78 -3.53 -28.52
C GLU C 240 10.99 -3.56 -27.01
N VAL C 241 11.98 -2.80 -26.57
CA VAL C 241 12.28 -2.69 -25.15
C VAL C 241 12.33 -1.23 -24.77
N ALA C 242 12.03 -0.92 -23.51
CA ALA C 242 12.10 0.45 -23.01
C ALA C 242 12.96 0.53 -21.75
N THR C 243 13.87 1.49 -21.75
CA THR C 243 14.88 1.66 -20.71
C THR C 243 15.03 3.14 -20.34
N SER C 244 15.31 3.39 -19.07
CA SER C 244 15.48 4.74 -18.57
C SER C 244 16.70 4.78 -17.67
N PRO C 245 17.45 5.90 -17.69
CA PRO C 245 18.57 6.00 -16.77
C PRO C 245 18.15 6.22 -15.31
N LEU C 246 16.92 6.71 -15.09
CA LEU C 246 16.44 6.98 -13.73
C LEU C 246 15.79 5.76 -13.07
N ALA C 247 15.45 4.76 -13.87
CA ALA C 247 14.70 3.59 -13.43
C ALA C 247 15.47 2.28 -13.69
N THR D 4 15.44 15.51 29.49
CA THR D 4 15.77 15.12 28.09
C THR D 4 15.63 13.60 27.90
N ALA D 5 15.54 13.16 26.65
CA ALA D 5 15.34 11.73 26.36
C ALA D 5 16.27 11.24 25.25
N PRO D 6 17.12 10.23 25.55
CA PRO D 6 17.99 9.79 24.46
C PRO D 6 17.31 8.80 23.51
N LEU D 7 17.82 8.69 22.28
CA LEU D 7 17.29 7.74 21.34
C LEU D 7 17.52 6.33 21.87
N ARG D 8 16.46 5.52 21.88
CA ARG D 8 16.60 4.10 22.09
C ARG D 8 15.76 3.31 21.10
N VAL D 9 16.40 2.36 20.45
CA VAL D 9 15.76 1.46 19.49
C VAL D 9 15.88 0.03 20.05
N GLN D 10 14.75 -0.60 20.36
CA GLN D 10 14.72 -1.99 20.86
C GLN D 10 14.04 -2.92 19.84
N LEU D 11 14.71 -4.00 19.46
CA LEU D 11 14.12 -4.99 18.52
C LEU D 11 13.19 -5.85 19.35
N ILE D 12 11.90 -5.84 19.01
CA ILE D 12 10.91 -6.53 19.87
C ILE D 12 10.25 -7.71 19.18
N ALA D 13 10.39 -7.80 17.87
CA ALA D 13 9.80 -8.92 17.16
C ALA D 13 10.55 -9.22 15.90
N LYS D 14 10.63 -10.50 15.58
CA LYS D 14 11.18 -10.96 14.31
C LYS D 14 10.48 -12.26 13.90
N THR D 15 10.79 -12.74 12.71
CA THR D 15 10.12 -13.90 12.11
C THR D 15 10.58 -15.21 12.76
N ASP D 16 9.61 -16.06 13.08
CA ASP D 16 9.85 -17.44 13.52
C ASP D 16 9.53 -18.41 12.38
N PHE D 17 10.56 -19.09 11.86
CA PHE D 17 10.41 -19.94 10.67
C PHE D 17 10.25 -21.42 11.04
N LEU D 18 9.24 -22.05 10.46
CA LEU D 18 8.96 -23.49 10.71
C LEU D 18 9.01 -24.25 9.38
N ALA D 19 10.19 -24.79 9.05
CA ALA D 19 10.36 -25.50 7.77
C ALA D 19 9.35 -26.65 7.62
N PRO D 20 8.75 -26.80 6.41
CA PRO D 20 7.80 -27.89 6.23
C PRO D 20 8.53 -29.22 6.03
N PRO D 21 8.21 -30.24 6.87
CA PRO D 21 8.99 -31.49 6.89
C PRO D 21 8.87 -32.29 5.59
N ASP D 22 7.78 -32.07 4.87
CA ASP D 22 7.51 -32.79 3.63
C ASP D 22 8.23 -32.18 2.41
N VAL D 23 8.92 -31.05 2.61
CA VAL D 23 9.75 -30.46 1.56
C VAL D 23 11.21 -30.92 1.71
N PRO D 24 11.82 -31.45 0.61
CA PRO D 24 13.18 -31.97 0.69
C PRO D 24 14.28 -30.90 0.69
N TRP D 25 14.33 -30.10 1.76
CA TRP D 25 15.23 -28.98 1.84
C TRP D 25 15.51 -28.62 3.29
N THR D 26 16.78 -28.32 3.60
CA THR D 26 17.22 -27.74 4.88
C THR D 26 18.03 -26.51 4.55
N THR D 27 18.26 -25.64 5.54
CA THR D 27 19.28 -24.60 5.36
C THR D 27 20.04 -24.30 6.64
N ASP D 28 21.24 -23.74 6.47
CA ASP D 28 22.16 -23.35 7.54
C ASP D 28 21.76 -22.03 8.24
N ALA D 29 20.46 -21.76 8.30
CA ALA D 29 19.95 -20.53 8.90
C ALA D 29 18.55 -20.79 9.43
N ASP D 30 18.04 -19.84 10.21
CA ASP D 30 16.63 -19.86 10.58
C ASP D 30 15.98 -18.44 10.53
N GLY D 31 14.79 -18.30 11.11
CA GLY D 31 14.07 -17.03 11.12
C GLY D 31 13.87 -16.45 9.72
N GLY D 32 13.89 -15.13 9.60
CA GLY D 32 13.60 -14.43 8.35
C GLY D 32 14.44 -14.81 7.15
N PRO D 33 15.78 -14.87 7.31
CA PRO D 33 16.65 -15.27 6.19
C PRO D 33 16.30 -16.66 5.64
N ALA D 34 15.98 -17.61 6.53
CA ALA D 34 15.51 -18.94 6.07
C ALA D 34 14.17 -18.88 5.31
N LEU D 35 13.19 -18.14 5.84
CA LEU D 35 11.88 -17.92 5.18
C LEU D 35 12.07 -17.32 3.80
N VAL D 36 12.91 -16.30 3.74
CA VAL D 36 13.20 -15.65 2.47
C VAL D 36 13.76 -16.65 1.46
N GLU D 37 14.67 -17.52 1.89
CA GLU D 37 15.30 -18.47 0.98
C GLU D 37 14.28 -19.49 0.50
N PHE D 38 13.46 -19.97 1.43
CA PHE D 38 12.38 -20.91 1.13
C PHE D 38 11.41 -20.38 0.09
N ALA D 39 11.02 -19.12 0.24
CA ALA D 39 10.10 -18.44 -0.68
C ALA D 39 10.70 -18.31 -2.06
N GLY D 40 11.96 -17.86 -2.15
CA GLY D 40 12.68 -17.76 -3.42
C GLY D 40 12.79 -19.12 -4.11
N ARG D 41 13.13 -20.14 -3.34
CA ARG D 41 13.24 -21.50 -3.88
C ARG D 41 11.92 -22.12 -4.30
N ALA D 42 10.83 -21.74 -3.63
CA ALA D 42 9.50 -22.21 -3.99
C ALA D 42 9.06 -21.82 -5.41
N CYS D 43 9.54 -20.66 -5.89
CA CYS D 43 9.28 -20.20 -7.26
C CYS D 43 9.74 -21.17 -8.34
N TYR D 44 10.84 -21.88 -8.07
CA TYR D 44 11.39 -22.81 -9.06
C TYR D 44 11.47 -24.24 -8.52
N GLN D 45 10.95 -24.45 -7.31
CA GLN D 45 11.04 -25.74 -6.63
C GLN D 45 12.48 -26.27 -6.61
N SER D 46 13.43 -25.39 -6.26
CA SER D 46 14.87 -25.72 -6.34
C SER D 46 15.39 -26.28 -5.03
N TRP D 47 14.64 -27.22 -4.47
CA TRP D 47 14.85 -27.79 -3.13
C TRP D 47 16.20 -28.47 -2.90
N SER D 48 16.62 -29.31 -3.85
CA SER D 48 18.00 -29.78 -3.90
C SER D 48 18.74 -28.49 -4.24
N LYS D 49 19.95 -28.30 -3.76
CA LYS D 49 20.56 -27.00 -4.04
C LYS D 49 21.69 -27.22 -5.03
N PRO D 50 21.36 -27.26 -6.34
CA PRO D 50 22.33 -27.77 -7.32
C PRO D 50 23.51 -26.82 -7.56
N ASN D 51 23.26 -25.51 -7.43
CA ASN D 51 24.26 -24.48 -7.62
C ASN D 51 25.06 -24.23 -6.32
N PRO D 52 26.40 -24.47 -6.37
CA PRO D 52 27.29 -24.33 -5.22
C PRO D 52 27.37 -22.91 -4.66
N LYS D 53 27.28 -21.91 -5.55
CA LYS D 53 27.36 -20.49 -5.17
C LYS D 53 26.19 -19.99 -4.31
N THR D 54 25.06 -20.70 -4.38
CA THR D 54 23.83 -20.28 -3.73
C THR D 54 23.34 -21.39 -2.81
N ALA D 55 24.19 -22.37 -2.57
CA ALA D 55 23.84 -23.51 -1.73
C ALA D 55 24.01 -23.21 -0.23
N THR D 56 24.42 -21.98 0.09
CA THR D 56 24.32 -21.50 1.47
C THR D 56 23.19 -20.45 1.55
N ASN D 57 22.68 -20.22 2.74
CA ASN D 57 21.66 -19.19 2.90
C ASN D 57 22.19 -17.81 2.48
N ALA D 58 23.38 -17.45 2.95
CA ALA D 58 24.00 -16.17 2.59
C ALA D 58 24.20 -16.04 1.09
N GLY D 59 24.74 -17.10 0.47
CA GLY D 59 24.95 -17.12 -0.98
C GLY D 59 23.66 -16.98 -1.77
N TYR D 60 22.62 -17.70 -1.33
CA TYR D 60 21.31 -17.57 -1.97
C TYR D 60 20.73 -16.16 -1.84
N LEU D 61 20.82 -15.59 -0.65
CA LEU D 61 20.29 -14.25 -0.44
C LEU D 61 21.05 -13.19 -1.25
N ARG D 62 22.37 -13.31 -1.31
CA ARG D 62 23.19 -12.40 -2.13
C ARG D 62 22.77 -12.44 -3.61
N HIS D 63 22.56 -13.65 -4.12
CA HIS D 63 22.11 -13.86 -5.49
C HIS D 63 20.72 -13.27 -5.75
N ILE D 64 19.79 -13.51 -4.83
CA ILE D 64 18.44 -12.93 -4.90
C ILE D 64 18.46 -11.43 -5.19
N ASP D 66 21.31 -9.49 -6.15
CA ASP D 66 22.03 -9.29 -7.41
C ASP D 66 21.05 -9.37 -8.59
N VAL D 67 20.17 -10.36 -8.52
CA VAL D 67 19.24 -10.66 -9.60
C VAL D 67 17.95 -9.81 -9.49
N GLY D 68 17.88 -9.01 -8.43
CA GLY D 68 16.85 -8.00 -8.22
C GLY D 68 15.48 -8.55 -7.90
N HIS D 69 15.44 -9.76 -7.34
CA HIS D 69 14.18 -10.36 -6.94
C HIS D 69 13.77 -9.91 -5.55
N PHE D 70 13.60 -8.60 -5.37
CA PHE D 70 13.38 -8.03 -4.04
C PHE D 70 12.02 -8.38 -3.38
N SER D 71 11.04 -8.81 -4.16
CA SER D 71 9.72 -9.13 -3.61
C SER D 71 9.72 -10.31 -2.60
N VAL D 72 10.69 -11.21 -2.75
CA VAL D 72 10.93 -12.31 -1.83
C VAL D 72 11.34 -11.86 -0.40
N LEU D 73 11.88 -10.64 -0.30
CA LEU D 73 12.25 -10.06 0.99
C LEU D 73 11.04 -9.64 1.82
N GLU D 74 9.90 -9.50 1.15
CA GLU D 74 8.65 -9.05 1.79
C GLU D 74 8.10 -10.04 2.80
N HIS D 75 8.56 -11.29 2.75
CA HIS D 75 8.00 -12.31 3.63
C HIS D 75 8.45 -12.19 5.09
N ALA D 76 9.65 -11.68 5.29
CA ALA D 76 10.19 -11.60 6.64
C ALA D 76 10.04 -10.20 7.21
N SER D 77 9.75 -10.12 8.50
CA SER D 77 9.59 -8.81 9.13
C SER D 77 10.26 -8.68 10.49
N VAL D 78 10.53 -7.42 10.85
CA VAL D 78 11.12 -7.05 12.12
C VAL D 78 10.33 -5.87 12.69
N SER D 79 10.12 -5.88 14.01
CA SER D 79 9.48 -4.78 14.72
C SER D 79 10.45 -4.16 15.73
N PHE D 80 10.47 -2.83 15.80
CA PHE D 80 11.17 -2.11 16.86
C PHE D 80 10.20 -1.33 17.75
N TYR D 81 10.60 -1.15 19.00
CA TYR D 81 10.03 -0.16 19.89
C TYR D 81 11.05 0.99 19.98
N ILE D 82 10.61 2.20 19.67
CA ILE D 82 11.52 3.36 19.58
C ILE D 82 11.07 4.41 20.58
N THR D 83 12.01 4.86 21.42
CA THR D 83 11.74 5.91 22.37
C THR D 83 12.84 6.96 22.19
N GLY D 84 12.66 8.15 22.75
CA GLY D 84 13.64 9.22 22.57
C GLY D 84 13.70 9.74 21.14
N ILE D 85 12.53 9.81 20.52
CA ILE D 85 12.37 10.30 19.16
C ILE D 85 11.39 11.46 19.25
N SER D 86 11.72 12.58 18.61
CA SER D 86 10.89 13.77 18.66
C SER D 86 9.64 13.60 17.78
N ARG D 87 8.59 14.36 18.10
CA ARG D 87 7.37 14.41 17.27
C ARG D 87 7.66 14.66 15.79
N SER D 88 8.52 15.64 15.50
CA SER D 88 8.87 15.95 14.09
C SER D 88 9.61 14.83 13.36
N CYS D 89 10.47 14.10 14.08
CA CYS D 89 11.14 12.95 13.48
C CYS D 89 10.15 11.83 13.17
N THR D 90 9.21 11.58 14.07
CA THR D 90 8.21 10.53 13.80
CA THR D 90 8.19 10.56 13.86
C THR D 90 7.28 10.90 12.66
N HIS D 91 7.05 12.20 12.48
CA HIS D 91 6.23 12.69 11.35
C HIS D 91 6.86 12.30 10.02
N GLU D 92 8.17 12.47 9.93
CA GLU D 92 8.93 12.02 8.77
C GLU D 92 8.96 10.49 8.61
N LEU D 93 9.15 9.75 9.70
CA LEU D 93 9.04 8.29 9.66
C LEU D 93 7.69 7.78 9.10
N ILE D 94 6.59 8.34 9.59
CA ILE D 94 5.27 7.77 9.25
C ILE D 94 4.81 8.08 7.81
N ARG D 95 5.55 8.95 7.10
CA ARG D 95 5.40 9.10 5.64
C ARG D 95 5.71 7.82 4.85
N HIS D 96 6.47 6.90 5.46
CA HIS D 96 6.81 5.66 4.75
C HIS D 96 5.68 4.70 4.88
N ARG D 97 5.13 4.37 3.73
CA ARG D 97 4.11 3.37 3.61
C ARG D 97 4.78 2.02 3.51
N HIS D 98 3.98 0.99 3.65
CA HIS D 98 4.48 -0.37 3.75
C HIS D 98 5.15 -0.60 5.10
N PHE D 99 4.89 0.29 6.06
CA PHE D 99 5.18 0.03 7.46
C PHE D 99 3.87 0.04 8.25
N SER D 100 3.86 -0.65 9.40
CA SER D 100 2.75 -0.52 10.35
C SER D 100 3.29 0.18 11.58
N TYR D 101 2.48 1.08 12.13
CA TYR D 101 2.88 1.89 13.29
C TYR D 101 1.84 1.85 14.42
N SER D 102 2.34 1.86 15.66
CA SER D 102 1.52 2.22 16.81
C SER D 102 2.26 3.24 17.64
N GLN D 103 1.71 4.45 17.68
CA GLN D 103 2.35 5.62 18.29
C GLN D 103 1.72 6.07 19.60
N LEU D 104 2.55 6.55 20.53
CA LEU D 104 2.08 7.21 21.75
C LEU D 104 0.96 8.18 21.41
N SER D 105 -0.21 7.99 22.02
CA SER D 105 -1.39 8.78 21.66
C SER D 105 -1.28 10.27 21.92
N GLN D 106 -2.00 11.03 21.09
CA GLN D 106 -2.12 12.48 21.26
C GLN D 106 -2.90 12.84 22.54
N ARG D 107 -3.70 11.89 23.03
CA ARG D 107 -4.42 12.07 24.28
C ARG D 107 -3.70 11.36 25.43
N TYR D 108 -2.40 11.62 25.53
CA TYR D 108 -1.56 11.16 26.63
C TYR D 108 -1.07 12.35 27.44
N ARG D 115 9.21 15.50 28.66
CA ARG D 115 10.50 15.07 28.10
C ARG D 115 10.74 15.61 26.68
N VAL D 116 11.91 16.19 26.46
CA VAL D 116 12.33 16.62 25.11
C VAL D 116 13.52 15.83 24.57
N VAL D 117 13.54 15.74 23.25
CA VAL D 117 14.65 15.19 22.52
C VAL D 117 15.47 16.35 21.99
N VAL D 118 16.77 16.35 22.28
CA VAL D 118 17.64 17.43 21.87
C VAL D 118 18.18 17.17 20.47
N PRO D 119 18.06 18.17 19.55
CA PRO D 119 18.66 18.04 18.23
C PRO D 119 20.11 17.59 18.35
N PRO D 120 20.53 16.59 17.55
CA PRO D 120 21.89 16.07 17.62
C PRO D 120 23.00 17.12 17.49
N GLY D 121 22.77 18.18 16.70
CA GLY D 121 23.75 19.26 16.53
C GLY D 121 23.87 20.19 17.72
N GLU D 123 23.53 18.69 21.03
CA GLU D 123 23.73 17.79 22.18
C GLU D 123 24.90 18.12 23.10
N ASP D 124 26.01 18.57 22.50
CA ASP D 124 27.24 18.86 23.27
C ASP D 124 27.31 20.26 23.87
N ASP D 125 26.35 21.11 23.52
CA ASP D 125 26.32 22.51 23.93
C ASP D 125 25.33 22.70 25.09
N ALA D 126 25.87 22.92 26.29
CA ALA D 126 25.06 23.09 27.48
C ALA D 126 24.22 24.37 27.46
N ASP D 127 24.74 25.41 26.84
CA ASP D 127 24.02 26.68 26.68
C ASP D 127 22.80 26.52 25.77
N LEU D 128 22.99 25.88 24.63
CA LEU D 128 21.91 25.61 23.69
C LEU D 128 20.86 24.66 24.28
N ARG D 129 21.32 23.59 24.94
CA ARG D 129 20.40 22.66 25.58
C ARG D 129 19.51 23.35 26.62
N HIS D 130 20.10 24.26 27.39
CA HIS D 130 19.37 25.01 28.41
C HIS D 130 18.33 25.97 27.82
N ILE D 131 18.66 26.62 26.71
CA ILE D 131 17.67 27.42 25.97
C ILE D 131 16.45 26.59 25.54
N LEU D 132 16.71 25.36 25.06
CA LEU D 132 15.65 24.46 24.61
C LEU D 132 14.80 23.94 25.77
N THR D 133 15.44 23.45 26.83
CA THR D 133 14.68 22.95 27.98
C THR D 133 13.92 24.07 28.68
N GLU D 134 14.47 25.28 28.72
CA GLU D 134 13.70 26.39 29.28
C GLU D 134 12.47 26.74 28.42
N ALA D 135 12.63 26.78 27.11
CA ALA D 135 11.49 26.95 26.20
C ALA D 135 10.43 25.82 26.37
N ALA D 136 10.91 24.59 26.57
CA ALA D 136 10.03 23.45 26.80
C ALA D 136 9.26 23.58 28.13
N ASP D 137 9.95 24.06 29.16
CA ASP D 137 9.35 24.38 30.47
C ASP D 137 8.25 25.44 30.35
N ALA D 138 8.55 26.53 29.64
CA ALA D 138 7.56 27.59 29.41
C ALA D 138 6.33 27.08 28.66
N ALA D 139 6.55 26.31 27.60
CA ALA D 139 5.45 25.72 26.83
C ALA D 139 4.58 24.82 27.71
N ARG D 140 5.23 24.02 28.56
CA ARG D 140 4.53 23.13 29.50
C ARG D 140 3.73 23.90 30.55
N ALA D 141 4.22 25.08 30.95
CA ALA D 141 3.50 25.99 31.85
C ALA D 141 2.24 26.48 31.14
N THR D 142 2.42 26.89 29.89
CA THR D 142 1.32 27.36 29.06
C THR D 142 0.25 26.31 28.86
N TYR D 143 0.67 25.08 28.54
CA TYR D 143 -0.24 23.94 28.41
C TYR D 143 -1.15 23.75 29.65
N SER D 144 -0.56 23.90 30.83
CA SER D 144 -1.29 23.76 32.11
C SER D 144 -2.32 24.87 32.31
N GLU D 145 -1.90 26.11 32.02
CA GLU D 145 -2.79 27.28 32.06
C GLU D 145 -3.96 27.14 31.08
N LEU D 146 -3.68 26.65 29.87
CA LEU D 146 -4.72 26.43 28.87
C LEU D 146 -5.62 25.27 29.29
N LEU D 147 -5.02 24.17 29.75
CA LEU D 147 -5.77 22.99 30.16
C LEU D 147 -6.82 23.34 31.22
N ALA D 148 -6.41 24.13 32.21
CA ALA D 148 -7.28 24.55 33.30
C ALA D 148 -8.41 25.45 32.79
N LYS D 149 -8.04 26.47 32.02
CA LYS D 149 -9.00 27.40 31.46
C LYS D 149 -9.97 26.74 30.48
N LEU D 150 -9.52 25.68 29.82
CA LEU D 150 -10.34 24.93 28.87
C LEU D 150 -11.37 24.01 29.53
N GLU D 151 -10.98 23.36 30.62
CA GLU D 151 -11.92 22.53 31.37
C GLU D 151 -13.02 23.39 32.00
N ALA D 152 -12.67 24.60 32.45
CA ALA D 152 -13.65 25.55 32.98
C ALA D 152 -14.59 26.06 31.90
N LEU D 162 -15.75 13.04 31.22
CA LEU D 162 -15.33 12.24 30.08
C LEU D 162 -14.84 13.10 28.92
N ARG D 163 -15.77 13.52 28.06
CA ARG D 163 -15.46 14.31 26.87
C ARG D 163 -14.58 15.53 27.17
N ARG D 164 -14.60 15.99 28.43
CA ARG D 164 -13.57 16.92 28.93
C ARG D 164 -12.15 16.29 28.88
N LYS D 165 -11.87 15.64 27.75
CA LYS D 165 -10.53 15.36 27.21
C LYS D 165 -10.41 16.12 25.89
N GLN D 166 -11.47 16.85 25.55
CA GLN D 166 -11.42 17.84 24.48
C GLN D 166 -10.40 18.91 24.87
N ALA D 167 -10.30 19.18 26.17
CA ALA D 167 -9.37 20.19 26.71
C ALA D 167 -7.91 19.87 26.45
N ARG D 168 -7.53 18.61 26.66
CA ARG D 168 -6.17 18.11 26.45
C ARG D 168 -5.77 18.14 24.97
N GLN D 169 -6.72 17.78 24.09
CA GLN D 169 -6.52 17.84 22.65
C GLN D 169 -6.21 19.29 22.22
N ALA D 170 -6.97 20.25 22.73
CA ALA D 170 -6.77 21.66 22.41
C ALA D 170 -5.49 22.23 23.04
N ALA D 171 -5.23 21.89 24.30
CA ALA D 171 -4.10 22.44 25.05
C ALA D 171 -2.74 22.01 24.48
N ARG D 172 -2.69 20.84 23.86
CA ARG D 172 -1.46 20.33 23.24
C ARG D 172 -0.98 21.20 22.06
N ALA D 173 -1.84 22.10 21.59
CA ALA D 173 -1.47 23.04 20.54
C ALA D 173 -0.12 23.74 20.78
N VAL D 174 0.23 23.99 22.06
CA VAL D 174 1.47 24.70 22.44
C VAL D 174 2.75 23.86 22.62
N PRO D 176 6.02 21.79 21.86
CA PRO D 176 6.99 21.90 20.77
C PRO D 176 7.24 20.61 20.02
N ASN D 177 7.78 20.74 18.80
CA ASN D 177 8.35 19.66 17.98
C ASN D 177 9.27 18.69 18.72
N ALA D 178 10.12 19.24 19.59
CA ALA D 178 11.11 18.45 20.35
C ALA D 178 10.51 17.47 21.37
N THR D 179 9.24 17.62 21.71
CA THR D 179 8.57 16.71 22.64
C THR D 179 8.81 15.27 22.23
N GLU D 180 9.21 14.43 23.19
CA GLU D 180 9.44 13.01 22.90
C GLU D 180 8.16 12.27 22.54
N THR D 181 8.27 11.34 21.60
CA THR D 181 7.21 10.38 21.40
C THR D 181 7.79 8.97 21.39
N ARG D 182 6.89 7.99 21.36
CA ARG D 182 7.25 6.59 21.39
C ARG D 182 6.49 5.87 20.31
N ILE D 183 7.12 4.89 19.70
CA ILE D 183 6.51 4.24 18.57
C ILE D 183 6.92 2.79 18.42
N VAL D 184 5.96 1.95 18.08
CA VAL D 184 6.22 0.60 17.54
C VAL D 184 6.14 0.64 16.01
N VAL D 185 7.24 0.25 15.36
CA VAL D 185 7.34 0.23 13.89
C VAL D 185 7.60 -1.19 13.45
N THR D 186 6.72 -1.72 12.57
CA THR D 186 6.91 -3.02 11.93
C THR D 186 7.02 -2.87 10.41
N GLY D 187 8.01 -3.54 9.82
CA GLY D 187 8.10 -3.62 8.36
C GLY D 187 8.75 -4.91 7.91
N ASN D 188 8.50 -5.32 6.66
CA ASN D 188 9.27 -6.41 6.07
C ASN D 188 10.66 -5.94 5.64
N TYR D 189 11.55 -6.86 5.29
CA TYR D 189 12.93 -6.49 4.95
C TYR D 189 13.00 -5.55 3.77
N ARG D 190 12.10 -5.72 2.80
CA ARG D 190 12.13 -4.86 1.63
C ARG D 190 11.86 -3.40 2.04
N ALA D 191 10.87 -3.22 2.92
CA ALA D 191 10.51 -1.88 3.39
C ALA D 191 11.60 -1.25 4.24
N TRP D 192 12.22 -2.01 5.15
CA TRP D 192 13.40 -1.54 5.89
C TRP D 192 14.58 -1.08 5.01
N ARG D 193 14.94 -1.90 4.01
CA ARG D 193 15.99 -1.53 3.04
C ARG D 193 15.68 -0.19 2.40
N HIS D 194 14.42 0.03 1.98
CA HIS D 194 14.06 1.31 1.36
C HIS D 194 14.17 2.52 2.32
N PHE D 195 13.61 2.38 3.52
CA PHE D 195 13.75 3.37 4.59
C PHE D 195 15.22 3.76 4.87
N ILE D 196 16.08 2.75 5.02
CA ILE D 196 17.51 2.99 5.21
C ILE D 196 18.15 3.76 4.04
N ALA D 197 17.91 3.29 2.81
CA ALA D 197 18.43 3.92 1.63
C ALA D 197 18.01 5.39 1.48
N ARG D 199 16.65 7.36 4.11
CA ARG D 199 16.88 8.18 5.31
C ARG D 199 18.29 8.17 5.88
N ALA D 200 19.14 7.25 5.41
CA ALA D 200 20.50 7.16 5.91
C ALA D 200 21.49 7.94 5.05
N SER D 201 21.00 8.58 3.99
CA SER D 201 21.84 9.41 3.12
C SER D 201 22.01 10.83 3.67
N GLU D 202 22.96 11.59 3.11
CA GLU D 202 23.30 12.93 3.62
C GLU D 202 22.14 13.93 3.47
N HIS D 203 21.32 13.73 2.43
CA HIS D 203 20.18 14.61 2.12
C HIS D 203 19.10 14.71 3.22
N ALA D 204 19.01 13.67 4.06
CA ALA D 204 18.11 13.67 5.23
C ALA D 204 18.74 14.29 6.49
N ASP D 205 17.92 15.03 7.23
CA ASP D 205 18.29 15.67 8.50
C ASP D 205 18.84 14.65 9.51
N VAL D 206 19.59 15.14 10.50
CA VAL D 206 20.45 14.25 11.29
C VAL D 206 19.68 13.30 12.21
N GLU D 207 18.56 13.77 12.78
CA GLU D 207 17.80 12.92 13.71
C GLU D 207 17.19 11.66 13.04
N ILE D 208 16.53 11.80 11.89
CA ILE D 208 16.03 10.63 11.15
C ILE D 208 17.16 9.75 10.60
N ARG D 209 18.26 10.39 10.22
CA ARG D 209 19.45 9.68 9.73
C ARG D 209 20.08 8.84 10.85
N ARG D 210 20.18 9.43 12.03
CA ARG D 210 20.67 8.72 13.21
C ARG D 210 19.77 7.52 13.49
N LEU D 211 18.46 7.71 13.39
CA LEU D 211 17.48 6.63 13.59
C LEU D 211 17.63 5.50 12.56
N ALA D 212 17.74 5.88 11.28
CA ALA D 212 17.98 4.92 10.19
C ALA D 212 19.26 4.08 10.36
N ILE D 213 20.34 4.72 10.83
CA ILE D 213 21.63 4.03 11.02
C ILE D 213 21.52 3.03 12.16
N GLU D 214 20.85 3.42 13.24
CA GLU D 214 20.64 2.51 14.37
C GLU D 214 19.79 1.29 13.97
N CYS D 215 18.72 1.53 13.20
CA CYS D 215 17.92 0.42 12.71
C CYS D 215 18.75 -0.50 11.83
N LEU D 216 19.52 0.10 10.91
CA LEU D 216 20.46 -0.66 10.07
C LEU D 216 21.38 -1.57 10.91
N ARG D 217 22.00 -0.99 11.92
CA ARG D 217 22.90 -1.74 12.79
C ARG D 217 22.22 -3.03 13.30
N GLN D 218 21.02 -2.87 13.84
CA GLN D 218 20.29 -3.96 14.47
C GLN D 218 19.75 -4.97 13.46
N LEU D 219 19.29 -4.47 12.31
CA LEU D 219 18.90 -5.32 11.18
C LEU D 219 20.08 -6.14 10.61
N ALA D 220 21.24 -5.51 10.43
CA ALA D 220 22.43 -6.24 9.95
C ALA D 220 22.89 -7.29 10.94
N ALA D 221 22.50 -7.13 12.20
CA ALA D 221 22.83 -8.10 13.24
C ALA D 221 21.96 -9.34 13.16
N VAL D 222 20.70 -9.18 12.75
CA VAL D 222 19.77 -10.30 12.60
C VAL D 222 19.79 -10.90 11.19
N ALA D 223 19.97 -10.05 10.18
CA ALA D 223 19.95 -10.50 8.78
C ALA D 223 21.14 -9.94 7.98
N PRO D 224 22.38 -10.40 8.30
CA PRO D 224 23.59 -9.88 7.67
C PRO D 224 23.59 -9.92 6.15
N ALA D 225 23.21 -11.05 5.55
CA ALA D 225 23.26 -11.15 4.08
C ALA D 225 22.35 -10.15 3.39
N VAL D 226 21.22 -9.84 4.03
CA VAL D 226 20.20 -8.91 3.50
C VAL D 226 20.63 -7.44 3.61
N PHE D 227 21.42 -7.12 4.62
CA PHE D 227 21.77 -5.72 4.93
C PHE D 227 23.30 -5.41 4.84
N ALA D 228 24.10 -6.41 4.46
CA ALA D 228 25.58 -6.27 4.29
C ALA D 228 26.05 -5.21 3.28
N ASP D 229 25.36 -5.13 2.15
CA ASP D 229 25.67 -4.17 1.08
C ASP D 229 25.62 -2.69 1.48
N PHE D 230 24.98 -2.38 2.61
CA PHE D 230 25.03 -1.04 3.19
C PHE D 230 26.34 -0.85 3.94
N GLU D 231 27.10 0.16 3.55
CA GLU D 231 28.34 0.50 4.24
C GLU D 231 28.18 1.82 4.99
N VAL D 232 28.54 1.82 6.27
CA VAL D 232 28.48 3.03 7.08
C VAL D 232 29.82 3.79 7.04
N THR D 233 29.77 5.01 6.51
CA THR D 233 30.90 5.94 6.56
C THR D 233 30.57 7.17 7.44
N THR D 234 31.60 7.85 7.92
CA THR D 234 31.42 8.99 8.81
C THR D 234 31.82 10.26 8.09
N LEU D 235 31.10 11.34 8.39
CA LEU D 235 31.33 12.62 7.75
C LEU D 235 32.29 13.48 8.57
N ALA D 236 32.53 14.69 8.08
CA ALA D 236 33.44 15.63 8.74
C ALA D 236 32.88 16.24 10.03
N ASP D 237 31.56 16.17 10.24
CA ASP D 237 30.96 16.66 11.49
C ASP D 237 30.83 15.58 12.59
N GLY D 238 31.34 14.39 12.33
CA GLY D 238 31.25 13.28 13.29
C GLY D 238 29.94 12.53 13.22
N THR D 239 29.13 12.87 12.22
CA THR D 239 27.85 12.24 11.98
C THR D 239 28.01 11.15 10.91
N GLU D 240 27.09 10.17 10.89
CA GLU D 240 27.22 9.02 10.00
C GLU D 240 26.26 9.02 8.80
N VAL D 241 26.68 8.33 7.74
CA VAL D 241 25.87 8.10 6.55
C VAL D 241 26.02 6.62 6.14
N ALA D 242 25.05 6.13 5.39
CA ALA D 242 25.08 4.76 4.86
C ALA D 242 24.51 4.71 3.45
N THR D 243 25.15 3.92 2.60
CA THR D 243 24.76 3.81 1.20
C THR D 243 25.05 2.41 0.66
N SER D 244 24.24 1.97 -0.29
CA SER D 244 24.43 0.69 -0.97
C SER D 244 24.73 0.95 -2.44
#